data_9KCK
#
_entry.id   9KCK
#
_cell.length_a   1.00
_cell.length_b   1.00
_cell.length_c   1.00
_cell.angle_alpha   90.00
_cell.angle_beta   90.00
_cell.angle_gamma   90.00
#
_symmetry.space_group_name_H-M   'P 1'
#
loop_
_entity.id
_entity.type
_entity.pdbx_description
1 polymer 'Sodium/potassium-transporting ATPase subunit alpha-1'
2 polymer 'Sodium/potassium-transporting ATPase subunit beta-3'
3 non-polymer 'TETRAFLUOROALUMINATE ION'
4 non-polymer 'MAGNESIUM ION'
5 non-polymer 'POTASSIUM ION'
6 non-polymer CHOLESTEROL
7 water water
#
loop_
_entity_poly.entity_id
_entity_poly.type
_entity_poly.pdbx_seq_one_letter_code
_entity_poly.pdbx_strand_id
1 'polypeptide(L)'
;VSMDDHKLSLDELHRKYGTDLSRGLTSARAAEILARDGPNALTPPPTTPEWIKFCRQLFGGFSMLLWIGAILCFLAYSIQ
AATEEEPQNDNLYLGVVLSAVVIITGCFSYYQEAKSSKIMESFKNMVPQQALVIRNGEKMSINAEEVVVGDLVEVKGGDR
IPADLRIISANGCKVDNSSLTGESEPQTRSPDFTNENPLETRNIAFFSTNCVEGTARGIVVYTGDRTVMGRIATLASGLE
GGQTPIAAEIEHFIHIITGVAVFLGVSFFILSLILEYTWLEAVIFLIGIIVANVPEGLLATVTVCLTLTAKRMARKNCLV
KNLEAVETLGSTSTICSDKTGTLTQNRMTVAHMWFDNQIHEADTTENQSGVSFDKTSATWLALSRIAGLCNRAVFQANQE
NLPILKRAVAGDASESALLKCIELCCGSVKEMRERYAKIVEIPFNSTNKYQLSIHKNPNTSEPQHLLVMKGAPERILDRC
SSILLHGKEQPLDEELKDAFQNAYLELGGLGERVLGFCHLFLPDEQFPEGFQFDTDDVNFPIDNLCFVGLISMIDPPRAA
VPDAVGKCRSAGIKVIMVTGDHPITAKAIAKGVGIISEGNETVEDIAARLNIPVSQVNPRDAKACVVHGSDLKDMTSEQL
DDILKYHTEIVFARTSPQQKLIIVEGCQRQGAIVAVTGDGVNDSPALKKADIGVAMGIAGSDVSKQAADMILLDDNFASI
VTGVEEGRLIFDNLKKSIAYTLTSNIPEITPFLIFIIANIPLPLGTVTILCIDLGTDMVPAISLAYEQAESDIMKRQPRN
PKTDKLVNERLISMAYGQIGMIQALGGFFTYFVILAENGFLPIHLLGLRVDWDDRWINDVEDSYGQQWTYEQRKIVEFTC
HTAFFVSIVVVQWADLVICKTRRNSVFQQGMKNKILIFGLFEETALAAFLSYCPGMGVALRMYPLKPTWWFCAFPYSLLI
FVYDKVRKLIIRRRPGGWVEKETYY
;
A
2 'polypeptide(L)'
;MTKNEKKSLNQSLAEWKLFIYNPTTGEFLGRTAKSWGLILLFYLVFYGFLAALFSFTMWVMLQTLNDEVPKYRDQIPSPG
LMVFPKPVTALEYTFSRSDPTSYAGYIEDLKKFLKPYTLEEQKNLTVCPDGALFEQKGPVYVACQFPISLLQACSGMNDP
DFGYSQGNPCILVKMNRIIGLKPEGVPRIDCVSKNEDIPNVAVYPHNGMIDLKYFPYYGKKLHVGYLQPLVAVQVSFAPN
NTGKEVTVECKIDGSANLKSQDDRDKFLGRVMFKITARA
;
B
#
# COMPACT_ATOMS: atom_id res chain seq x y z
N SER A 2 -32.89 -11.35 -26.03
CA SER A 2 -32.14 -11.33 -27.28
C SER A 2 -31.82 -12.74 -27.74
N MET A 3 -32.08 -13.02 -29.01
CA MET A 3 -31.84 -14.33 -29.62
C MET A 3 -32.57 -15.43 -28.86
N ASP A 4 -33.89 -15.34 -28.86
CA ASP A 4 -34.74 -16.26 -28.13
C ASP A 4 -35.09 -17.48 -28.97
N ASP A 5 -35.10 -18.64 -28.32
CA ASP A 5 -35.43 -19.89 -28.95
C ASP A 5 -36.64 -20.57 -28.34
N HIS A 6 -37.22 -20.01 -27.28
CA HIS A 6 -38.44 -20.55 -26.69
C HIS A 6 -39.68 -20.16 -27.48
N LYS A 7 -39.55 -19.25 -28.44
CA LYS A 7 -40.71 -18.87 -29.26
C LYS A 7 -41.06 -19.94 -30.27
N LEU A 8 -40.04 -20.57 -30.86
CA LEU A 8 -40.27 -21.57 -31.91
C LEU A 8 -41.04 -22.76 -31.35
N SER A 9 -41.93 -23.31 -32.17
CA SER A 9 -42.70 -24.49 -31.79
C SER A 9 -41.79 -25.72 -31.77
N LEU A 10 -42.38 -26.87 -31.43
CA LEU A 10 -41.61 -28.10 -31.38
C LEU A 10 -41.03 -28.44 -32.75
N ASP A 11 -41.86 -28.36 -33.80
CA ASP A 11 -41.36 -28.67 -35.14
C ASP A 11 -40.49 -27.54 -35.68
N GLU A 12 -40.86 -26.30 -35.41
CA GLU A 12 -40.07 -25.17 -35.90
C GLU A 12 -38.66 -25.18 -35.31
N LEU A 13 -38.55 -25.54 -34.03
CA LEU A 13 -37.23 -25.70 -33.42
C LEU A 13 -36.48 -26.87 -34.03
N HIS A 14 -37.17 -27.99 -34.25
CA HIS A 14 -36.51 -29.19 -34.76
C HIS A 14 -36.04 -29.00 -36.20
N ARG A 15 -36.80 -28.29 -37.02
CA ARG A 15 -36.40 -28.10 -38.41
C ARG A 15 -35.27 -27.09 -38.54
N LYS A 16 -35.20 -26.11 -37.64
CA LYS A 16 -34.10 -25.16 -37.66
C LYS A 16 -32.77 -25.85 -37.40
N TYR A 17 -32.75 -26.81 -36.46
CA TYR A 17 -31.53 -27.54 -36.13
C TYR A 17 -31.42 -28.88 -36.86
N GLY A 18 -32.45 -29.27 -37.61
CA GLY A 18 -32.40 -30.56 -38.29
C GLY A 18 -32.27 -31.74 -37.36
N THR A 19 -33.01 -31.73 -36.25
CA THR A 19 -32.92 -32.75 -35.22
C THR A 19 -34.25 -33.51 -35.11
N ASP A 20 -34.17 -34.82 -35.04
CA ASP A 20 -35.35 -35.64 -34.84
C ASP A 20 -35.91 -35.45 -33.43
N LEU A 21 -37.23 -35.53 -33.32
CA LEU A 21 -37.88 -35.27 -32.03
C LEU A 21 -37.48 -36.32 -30.99
N SER A 22 -37.46 -37.59 -31.37
CA SER A 22 -37.16 -38.69 -30.46
C SER A 22 -35.93 -39.48 -30.85
N ARG A 23 -35.64 -39.58 -32.15
CA ARG A 23 -34.50 -40.37 -32.59
C ARG A 23 -33.19 -39.75 -32.14
N GLY A 24 -33.14 -38.42 -32.07
CA GLY A 24 -31.96 -37.72 -31.60
C GLY A 24 -31.19 -37.10 -32.77
N LEU A 25 -29.87 -37.23 -32.73
CA LEU A 25 -28.98 -36.69 -33.76
C LEU A 25 -28.05 -37.79 -34.24
N THR A 26 -27.82 -37.83 -35.55
CA THR A 26 -26.90 -38.81 -36.12
C THR A 26 -25.48 -38.52 -35.66
N SER A 27 -24.70 -39.59 -35.46
CA SER A 27 -23.33 -39.43 -34.99
C SER A 27 -22.48 -38.68 -36.01
N ALA A 28 -22.67 -38.96 -37.30
CA ALA A 28 -21.91 -38.25 -38.32
C ALA A 28 -22.22 -36.75 -38.31
N ARG A 29 -23.50 -36.40 -38.20
CA ARG A 29 -23.87 -34.99 -38.12
C ARG A 29 -23.33 -34.35 -36.85
N ALA A 30 -23.35 -35.10 -35.74
CA ALA A 30 -22.79 -34.59 -34.49
C ALA A 30 -21.30 -34.30 -34.62
N ALA A 31 -20.55 -35.20 -35.26
CA ALA A 31 -19.13 -34.97 -35.48
C ALA A 31 -18.90 -33.77 -36.39
N GLU A 32 -19.72 -33.64 -37.44
CA GLU A 32 -19.59 -32.50 -38.35
C GLU A 32 -19.85 -31.19 -37.62
N ILE A 33 -20.88 -31.14 -36.77
CA ILE A 33 -21.17 -29.93 -36.03
C ILE A 33 -20.07 -29.64 -35.01
N LEU A 34 -19.53 -30.69 -34.39
CA LEU A 34 -18.43 -30.50 -33.45
C LEU A 34 -17.22 -29.90 -34.14
N ALA A 35 -16.91 -30.37 -35.34
CA ALA A 35 -15.82 -29.79 -36.11
C ALA A 35 -16.17 -28.43 -36.67
N ARG A 36 -17.46 -28.09 -36.76
CA ARG A 36 -17.88 -26.83 -37.35
C ARG A 36 -17.93 -25.71 -36.32
N ASP A 37 -18.46 -26.00 -35.13
CA ASP A 37 -18.63 -24.97 -34.11
C ASP A 37 -17.52 -24.99 -33.05
N GLY A 38 -17.05 -26.16 -32.66
CA GLY A 38 -16.02 -26.27 -31.65
C GLY A 38 -16.47 -27.00 -30.41
N PRO A 39 -15.53 -27.31 -29.52
CA PRO A 39 -15.86 -28.10 -28.33
C PRO A 39 -16.75 -27.34 -27.36
N ASN A 40 -17.40 -28.11 -26.49
CA ASN A 40 -18.26 -27.57 -25.43
C ASN A 40 -17.41 -27.29 -24.20
N ALA A 41 -16.65 -26.20 -24.28
CA ALA A 41 -15.73 -25.87 -23.20
C ALA A 41 -15.52 -24.37 -23.14
N LEU A 42 -15.16 -23.89 -21.95
CA LEU A 42 -14.85 -22.48 -21.72
C LEU A 42 -13.33 -22.30 -21.82
N THR A 43 -12.91 -21.31 -22.59
CA THR A 43 -11.49 -21.10 -22.86
C THR A 43 -10.88 -20.18 -21.81
N PRO A 44 -9.88 -20.64 -21.05
CA PRO A 44 -9.20 -19.76 -20.10
C PRO A 44 -8.60 -18.55 -20.81
N PRO A 45 -8.64 -17.37 -20.18
CA PRO A 45 -7.97 -16.20 -20.76
C PRO A 45 -6.48 -16.27 -20.55
N PRO A 46 -5.68 -15.83 -21.52
CA PRO A 46 -4.23 -15.86 -21.35
C PRO A 46 -3.79 -14.99 -20.18
N THR A 47 -2.78 -15.47 -19.45
CA THR A 47 -2.26 -14.78 -18.28
C THR A 47 -0.82 -14.36 -18.53
N THR A 48 -0.49 -13.16 -18.10
CA THR A 48 0.89 -12.67 -18.23
C THR A 48 1.80 -13.49 -17.33
N PRO A 49 2.92 -13.98 -17.85
CA PRO A 49 3.84 -14.78 -17.00
C PRO A 49 4.42 -13.94 -15.88
N GLU A 50 4.77 -14.61 -14.78
CA GLU A 50 5.32 -13.94 -13.61
C GLU A 50 6.65 -13.26 -13.91
N TRP A 51 7.36 -13.71 -14.95
CA TRP A 51 8.60 -13.05 -15.34
C TRP A 51 8.36 -11.60 -15.72
N ILE A 52 7.29 -11.34 -16.48
CA ILE A 52 7.02 -9.98 -16.96
C ILE A 52 6.59 -9.07 -15.82
N LYS A 53 5.74 -9.56 -14.92
CA LYS A 53 5.17 -8.71 -13.87
C LYS A 53 6.25 -8.12 -12.98
N PHE A 54 7.24 -8.92 -12.60
CA PHE A 54 8.37 -8.41 -11.84
C PHE A 54 9.11 -7.34 -12.63
N CYS A 55 9.34 -7.58 -13.92
CA CYS A 55 9.99 -6.57 -14.76
C CYS A 55 9.15 -5.31 -14.84
N ARG A 56 7.83 -5.45 -14.95
CA ARG A 56 6.96 -4.29 -14.94
C ARG A 56 7.12 -3.49 -13.65
N GLN A 57 7.23 -4.17 -12.52
CA GLN A 57 7.41 -3.46 -11.25
C GLN A 57 8.77 -2.80 -11.17
N LEU A 58 9.77 -3.35 -11.84
CA LEU A 58 11.14 -2.84 -11.74
C LEU A 58 11.32 -1.45 -12.35
N PHE A 59 10.35 -0.93 -13.10
CA PHE A 59 10.57 0.31 -13.85
C PHE A 59 9.60 1.42 -13.47
N GLY A 60 9.39 1.65 -12.18
CA GLY A 60 8.43 2.66 -11.78
C GLY A 60 8.95 3.80 -10.91
N GLY A 61 8.94 5.02 -11.46
CA GLY A 61 9.22 6.21 -10.67
C GLY A 61 10.62 6.31 -10.12
N PHE A 62 10.74 6.15 -8.80
CA PHE A 62 12.05 6.21 -8.14
C PHE A 62 12.99 5.15 -8.70
N SER A 63 12.44 4.04 -9.20
CA SER A 63 13.27 2.99 -9.76
C SER A 63 14.08 3.48 -10.95
N MET A 64 13.47 4.32 -11.79
CA MET A 64 14.20 4.87 -12.94
C MET A 64 15.33 5.77 -12.50
N LEU A 65 15.09 6.62 -11.48
CA LEU A 65 16.14 7.48 -10.99
C LEU A 65 17.29 6.68 -10.39
N LEU A 66 16.97 5.61 -9.65
CA LEU A 66 18.03 4.78 -9.11
C LEU A 66 18.76 4.00 -10.19
N TRP A 67 18.07 3.62 -11.27
CA TRP A 67 18.75 3.02 -12.42
C TRP A 67 19.72 4.00 -13.04
N ILE A 68 19.31 5.25 -13.20
CA ILE A 68 20.21 6.28 -13.72
C ILE A 68 21.40 6.45 -12.77
N GLY A 69 21.15 6.40 -11.46
CA GLY A 69 22.24 6.50 -10.51
C GLY A 69 23.23 5.36 -10.62
N ALA A 70 22.74 4.14 -10.79
CA ALA A 70 23.64 2.99 -10.94
C ALA A 70 24.43 3.07 -12.25
N ILE A 71 23.78 3.49 -13.33
CA ILE A 71 24.48 3.66 -14.60
C ILE A 71 25.58 4.71 -14.45
N LEU A 72 25.27 5.82 -13.79
CA LEU A 72 26.28 6.86 -13.59
C LEU A 72 27.40 6.38 -12.67
N CYS A 73 27.09 5.53 -11.68
CA CYS A 73 28.14 4.97 -10.84
C CYS A 73 29.09 4.11 -11.64
N PHE A 74 28.56 3.26 -12.52
CA PHE A 74 29.42 2.45 -13.38
C PHE A 74 30.24 3.32 -14.33
N LEU A 75 29.62 4.35 -14.90
CA LEU A 75 30.35 5.27 -15.77
C LEU A 75 31.46 5.98 -15.02
N ALA A 76 31.19 6.40 -13.78
CA ALA A 76 32.20 7.05 -12.97
C ALA A 76 33.36 6.12 -12.65
N TYR A 77 33.05 4.85 -12.35
CA TYR A 77 34.12 3.88 -12.12
C TYR A 77 34.96 3.69 -13.38
N SER A 78 34.32 3.58 -14.53
CA SER A 78 35.06 3.42 -15.78
C SER A 78 35.95 4.62 -16.05
N ILE A 79 35.42 5.83 -15.88
CA ILE A 79 36.22 7.04 -16.08
C ILE A 79 37.39 7.07 -15.12
N GLN A 80 37.14 6.76 -13.84
CA GLN A 80 38.20 6.81 -12.85
C GLN A 80 39.32 5.84 -13.19
N ALA A 81 38.96 4.60 -13.53
CA ALA A 81 39.98 3.61 -13.88
C ALA A 81 40.76 4.07 -15.11
N ALA A 82 40.05 4.40 -16.19
CA ALA A 82 40.72 4.76 -17.44
C ALA A 82 41.59 6.00 -17.29
N THR A 83 41.25 6.90 -16.36
CA THR A 83 42.00 8.15 -16.23
C THR A 83 43.16 8.03 -15.25
N GLU A 84 42.87 7.74 -13.98
CA GLU A 84 43.92 7.77 -12.97
C GLU A 84 44.55 6.41 -12.69
N GLU A 85 44.09 5.34 -13.35
CA GLU A 85 44.81 4.08 -13.40
C GLU A 85 45.10 3.47 -12.02
N GLU A 86 44.52 4.03 -10.97
CA GLU A 86 44.60 3.48 -9.61
C GLU A 86 43.21 3.49 -9.00
N PRO A 87 42.30 2.66 -9.52
CA PRO A 87 40.89 2.79 -9.14
C PRO A 87 40.63 2.41 -7.70
N GLN A 88 39.57 2.99 -7.15
CA GLN A 88 39.02 2.61 -5.86
C GLN A 88 37.67 1.95 -6.08
N ASN A 89 37.38 0.90 -5.31
CA ASN A 89 36.14 0.15 -5.47
C ASN A 89 35.01 0.80 -4.65
N ASP A 90 34.79 2.08 -4.93
CA ASP A 90 33.75 2.85 -4.27
C ASP A 90 32.53 3.04 -5.17
N ASN A 91 32.73 3.60 -6.37
CA ASN A 91 31.60 3.81 -7.28
C ASN A 91 31.02 2.49 -7.77
N LEU A 92 31.87 1.48 -7.97
CA LEU A 92 31.39 0.18 -8.39
C LEU A 92 30.49 -0.44 -7.32
N TYR A 93 30.92 -0.38 -6.06
CA TYR A 93 30.10 -0.92 -4.98
C TYR A 93 28.84 -0.09 -4.79
N LEU A 94 28.92 1.23 -4.99
CA LEU A 94 27.73 2.08 -4.92
C LEU A 94 26.72 1.68 -5.99
N GLY A 95 27.18 1.45 -7.22
CA GLY A 95 26.27 1.02 -8.27
C GLY A 95 25.65 -0.33 -8.00
N VAL A 96 26.45 -1.27 -7.50
CA VAL A 96 25.92 -2.59 -7.16
C VAL A 96 24.86 -2.47 -6.06
N VAL A 97 25.13 -1.65 -5.04
CA VAL A 97 24.19 -1.47 -3.95
C VAL A 97 22.90 -0.82 -4.45
N LEU A 98 23.02 0.17 -5.34
CA LEU A 98 21.82 0.81 -5.88
C LEU A 98 20.99 -0.17 -6.70
N SER A 99 21.65 -1.01 -7.50
CA SER A 99 20.93 -2.03 -8.27
C SER A 99 20.23 -3.01 -7.35
N ALA A 100 20.91 -3.45 -6.28
CA ALA A 100 20.28 -4.34 -5.32
C ALA A 100 19.08 -3.67 -4.65
N VAL A 101 19.20 -2.37 -4.37
CA VAL A 101 18.08 -1.63 -3.78
C VAL A 101 16.89 -1.62 -4.73
N VAL A 102 17.15 -1.41 -6.01
CA VAL A 102 16.06 -1.43 -7.00
C VAL A 102 15.41 -2.81 -7.04
N ILE A 103 16.22 -3.87 -7.00
CA ILE A 103 15.67 -5.22 -7.05
C ILE A 103 14.81 -5.50 -5.82
N ILE A 104 15.29 -5.12 -4.64
CA ILE A 104 14.52 -5.36 -3.42
C ILE A 104 13.23 -4.54 -3.40
N THR A 105 13.29 -3.29 -3.85
CA THR A 105 12.09 -2.48 -3.94
C THR A 105 11.11 -3.08 -4.94
N GLY A 106 11.61 -3.63 -6.04
CA GLY A 106 10.75 -4.33 -6.97
C GLY A 106 10.09 -5.55 -6.36
N CYS A 107 10.84 -6.28 -5.52
CA CYS A 107 10.26 -7.42 -4.80
C CYS A 107 9.13 -6.96 -3.88
N PHE A 108 9.36 -5.86 -3.16
CA PHE A 108 8.33 -5.35 -2.25
C PHE A 108 7.10 -4.90 -3.03
N SER A 109 7.29 -4.24 -4.17
CA SER A 109 6.17 -3.85 -5.02
C SER A 109 5.44 -5.08 -5.56
N TYR A 110 6.19 -6.13 -5.91
CA TYR A 110 5.58 -7.34 -6.43
C TYR A 110 4.69 -8.01 -5.38
N TYR A 111 5.14 -8.03 -4.13
CA TYR A 111 4.28 -8.53 -3.06
C TYR A 111 3.01 -7.70 -2.95
N GLN A 112 3.14 -6.38 -3.04
CA GLN A 112 2.01 -5.45 -2.93
C GLN A 112 1.42 -5.18 -4.31
N GLU A 113 0.69 -6.18 -4.80
CA GLU A 113 0.12 -6.15 -6.14
C GLU A 113 -1.01 -7.16 -6.22
N ALA A 114 -1.97 -6.91 -7.10
CA ALA A 114 -3.07 -7.84 -7.31
C ALA A 114 -2.55 -9.16 -7.86
N LYS A 115 -3.04 -10.26 -7.30
CA LYS A 115 -2.55 -11.60 -7.61
C LYS A 115 -3.42 -12.32 -8.64
N SER A 116 -4.14 -11.57 -9.47
CA SER A 116 -4.99 -12.13 -10.52
C SER A 116 -6.08 -13.03 -9.94
N SER A 117 -6.86 -13.67 -10.80
CA SER A 117 -7.97 -14.50 -10.36
C SER A 117 -8.07 -15.73 -11.25
N LYS A 118 -8.68 -16.77 -10.70
CA LYS A 118 -8.89 -18.05 -11.39
C LYS A 118 -10.38 -18.29 -11.65
N ILE A 119 -11.08 -17.23 -12.07
CA ILE A 119 -12.53 -17.31 -12.25
C ILE A 119 -12.89 -18.35 -13.30
N MET A 120 -12.18 -18.32 -14.43
CA MET A 120 -12.53 -19.23 -15.53
C MET A 120 -12.28 -20.68 -15.15
N GLU A 121 -11.30 -20.94 -14.28
CA GLU A 121 -11.11 -22.29 -13.77
C GLU A 121 -12.30 -22.72 -12.91
N SER A 122 -12.85 -21.79 -12.12
CA SER A 122 -13.97 -22.12 -11.26
C SER A 122 -15.21 -22.47 -12.07
N PHE A 123 -15.46 -21.76 -13.18
CA PHE A 123 -16.59 -22.11 -14.02
C PHE A 123 -16.42 -23.50 -14.65
N LYS A 124 -15.18 -23.85 -15.01
CA LYS A 124 -14.93 -25.18 -15.57
C LYS A 124 -15.17 -26.28 -14.55
N ASN A 125 -15.23 -25.96 -13.26
CA ASN A 125 -15.66 -26.92 -12.26
C ASN A 125 -17.17 -27.07 -12.21
N MET A 126 -17.91 -26.21 -12.91
CA MET A 126 -19.36 -26.26 -12.91
C MET A 126 -19.93 -27.03 -14.09
N VAL A 127 -19.15 -27.27 -15.14
CA VAL A 127 -19.60 -28.07 -16.27
C VAL A 127 -19.56 -29.53 -15.84
N PRO A 128 -20.55 -30.34 -16.21
CA PRO A 128 -20.49 -31.77 -15.88
C PRO A 128 -19.39 -32.48 -16.65
N GLN A 129 -18.87 -33.55 -16.07
CA GLN A 129 -17.90 -34.38 -16.76
C GLN A 129 -18.55 -35.28 -17.79
N GLN A 130 -19.82 -35.63 -17.62
CA GLN A 130 -20.53 -36.54 -18.49
C GLN A 130 -21.90 -35.99 -18.83
N ALA A 131 -22.43 -36.41 -19.97
CA ALA A 131 -23.74 -35.98 -20.42
C ALA A 131 -24.47 -37.14 -21.06
N LEU A 132 -25.77 -37.26 -20.76
CA LEU A 132 -26.63 -38.28 -21.34
C LEU A 132 -27.28 -37.70 -22.59
N VAL A 133 -26.93 -38.25 -23.76
CA VAL A 133 -27.38 -37.73 -25.03
C VAL A 133 -28.02 -38.86 -25.83
N ILE A 134 -29.10 -38.52 -26.54
CA ILE A 134 -29.79 -39.45 -27.42
C ILE A 134 -29.20 -39.32 -28.81
N ARG A 135 -28.66 -40.42 -29.33
CA ARG A 135 -28.16 -40.47 -30.69
C ARG A 135 -28.54 -41.82 -31.29
N ASN A 136 -28.98 -41.78 -32.56
CA ASN A 136 -29.46 -42.97 -33.26
C ASN A 136 -30.60 -43.65 -32.49
N GLY A 137 -31.37 -42.87 -31.74
CA GLY A 137 -32.43 -43.43 -30.94
C GLY A 137 -31.97 -44.19 -29.72
N GLU A 138 -30.73 -44.00 -29.28
CA GLU A 138 -30.18 -44.72 -28.13
C GLU A 138 -29.55 -43.75 -27.15
N LYS A 139 -29.69 -44.04 -25.87
CA LYS A 139 -29.03 -43.27 -24.82
C LYS A 139 -27.56 -43.59 -24.79
N MET A 140 -26.72 -42.57 -24.66
CA MET A 140 -25.30 -42.81 -24.44
C MET A 140 -24.73 -41.71 -23.55
N SER A 141 -23.83 -42.10 -22.65
CA SER A 141 -23.13 -41.18 -21.78
C SER A 141 -21.80 -40.82 -22.43
N ILE A 142 -21.62 -39.54 -22.75
CA ILE A 142 -20.45 -39.08 -23.47
C ILE A 142 -19.79 -37.96 -22.69
N ASN A 143 -18.54 -37.68 -23.04
CA ASN A 143 -17.85 -36.52 -22.46
C ASN A 143 -18.57 -35.25 -22.88
N ALA A 144 -18.79 -34.36 -21.91
CA ALA A 144 -19.60 -33.17 -22.14
C ALA A 144 -19.01 -32.25 -23.20
N GLU A 145 -17.71 -32.34 -23.46
CA GLU A 145 -17.07 -31.43 -24.39
C GLU A 145 -17.52 -31.64 -25.83
N GLU A 146 -17.97 -32.86 -26.17
CA GLU A 146 -18.44 -33.14 -27.52
C GLU A 146 -19.92 -32.87 -27.71
N VAL A 147 -20.62 -32.38 -26.70
CA VAL A 147 -22.03 -32.06 -26.86
C VAL A 147 -22.17 -30.89 -27.81
N VAL A 148 -22.98 -31.06 -28.86
CA VAL A 148 -23.14 -30.05 -29.90
C VAL A 148 -24.55 -29.47 -29.84
N VAL A 149 -24.81 -28.46 -30.67
CA VAL A 149 -26.13 -27.85 -30.69
C VAL A 149 -27.12 -28.79 -31.38
N GLY A 150 -28.38 -28.67 -30.99
CA GLY A 150 -29.45 -29.41 -31.64
C GLY A 150 -29.42 -30.91 -31.48
N ASP A 151 -29.21 -31.40 -30.26
CA ASP A 151 -29.32 -32.83 -29.98
C ASP A 151 -30.08 -33.04 -28.68
N LEU A 152 -30.75 -34.19 -28.59
CA LEU A 152 -31.51 -34.52 -27.40
C LEU A 152 -30.58 -34.78 -26.22
N VAL A 153 -30.70 -33.95 -25.18
CA VAL A 153 -29.94 -34.11 -23.94
C VAL A 153 -30.93 -34.39 -22.82
N GLU A 154 -30.66 -35.43 -22.04
CA GLU A 154 -31.53 -35.82 -20.94
C GLU A 154 -30.86 -35.52 -19.61
N VAL A 155 -31.58 -34.82 -18.74
CA VAL A 155 -31.09 -34.46 -17.41
C VAL A 155 -32.08 -35.00 -16.37
N LYS A 156 -31.56 -35.42 -15.22
CA LYS A 156 -32.38 -35.91 -14.14
C LYS A 156 -31.55 -36.02 -12.87
N GLY A 157 -32.23 -36.01 -11.73
CA GLY A 157 -31.66 -36.47 -10.47
C GLY A 157 -30.41 -35.79 -9.98
N GLY A 158 -30.39 -34.47 -9.97
CA GLY A 158 -29.23 -33.74 -9.49
C GLY A 158 -28.13 -33.53 -10.49
N ASP A 159 -28.29 -34.04 -11.71
CA ASP A 159 -27.28 -33.82 -12.74
C ASP A 159 -27.25 -32.35 -13.15
N ARG A 160 -26.03 -31.82 -13.33
CA ARG A 160 -25.89 -30.47 -13.80
C ARG A 160 -26.19 -30.39 -15.30
N ILE A 161 -26.83 -29.31 -15.71
CA ILE A 161 -27.17 -29.11 -17.12
C ILE A 161 -25.89 -28.89 -17.90
N PRO A 162 -25.66 -29.65 -18.97
CA PRO A 162 -24.39 -29.49 -19.71
C PRO A 162 -24.32 -28.22 -20.54
N ALA A 163 -25.43 -27.82 -21.14
CA ALA A 163 -25.46 -26.62 -21.96
C ALA A 163 -26.88 -26.06 -21.94
N ASP A 164 -27.03 -24.85 -22.47
CA ASP A 164 -28.34 -24.21 -22.52
C ASP A 164 -29.30 -25.06 -23.34
N LEU A 165 -30.38 -25.48 -22.71
CA LEU A 165 -31.33 -26.42 -23.31
C LEU A 165 -32.66 -25.74 -23.57
N ARG A 166 -33.32 -26.14 -24.65
CA ARG A 166 -34.72 -25.83 -24.89
C ARG A 166 -35.51 -27.09 -24.54
N ILE A 167 -36.13 -27.08 -23.37
CA ILE A 167 -36.79 -28.27 -22.86
C ILE A 167 -38.01 -28.58 -23.72
N ILE A 168 -38.05 -29.80 -24.28
CA ILE A 168 -39.19 -30.25 -25.05
C ILE A 168 -40.01 -31.30 -24.32
N SER A 169 -39.47 -31.91 -23.27
CA SER A 169 -40.24 -32.84 -22.44
C SER A 169 -39.75 -32.74 -21.01
N ALA A 170 -40.69 -32.79 -20.06
CA ALA A 170 -40.33 -32.67 -18.66
C ALA A 170 -41.35 -33.40 -17.80
N ASN A 171 -40.87 -34.23 -16.88
CA ASN A 171 -41.72 -34.98 -15.95
C ASN A 171 -41.44 -34.48 -14.54
N GLY A 172 -42.15 -33.43 -14.13
CA GLY A 172 -41.95 -32.85 -12.81
C GLY A 172 -40.55 -32.31 -12.60
N CYS A 173 -39.95 -31.75 -13.64
CA CYS A 173 -38.57 -31.28 -13.56
C CYS A 173 -38.50 -29.92 -12.87
N LYS A 174 -37.48 -29.75 -12.03
CA LYS A 174 -37.19 -28.48 -11.40
C LYS A 174 -35.69 -28.26 -11.42
N VAL A 175 -35.29 -26.99 -11.55
CA VAL A 175 -33.88 -26.63 -11.61
C VAL A 175 -33.58 -25.57 -10.57
N ASP A 176 -32.31 -25.52 -10.17
CA ASP A 176 -31.82 -24.53 -9.22
C ASP A 176 -31.12 -23.45 -10.04
N ASN A 177 -31.68 -22.24 -10.04
CA ASN A 177 -31.16 -21.13 -10.83
C ASN A 177 -30.36 -20.14 -9.99
N SER A 178 -29.66 -20.61 -8.96
CA SER A 178 -28.87 -19.72 -8.13
C SER A 178 -27.65 -19.15 -8.84
N SER A 179 -27.28 -19.72 -10.00
CA SER A 179 -26.19 -19.14 -10.78
C SER A 179 -26.63 -17.89 -11.54
N LEU A 180 -27.91 -17.80 -11.89
CA LEU A 180 -28.43 -16.65 -12.63
C LEU A 180 -29.12 -15.63 -11.76
N THR A 181 -29.82 -16.08 -10.71
CA THR A 181 -30.58 -15.19 -9.84
C THR A 181 -30.06 -15.11 -8.42
N GLY A 182 -29.18 -16.03 -8.01
CA GLY A 182 -28.71 -16.07 -6.65
C GLY A 182 -29.70 -16.63 -5.65
N GLU A 183 -30.87 -17.08 -6.11
CA GLU A 183 -31.92 -17.59 -5.26
C GLU A 183 -32.07 -19.09 -5.47
N SER A 184 -32.07 -19.84 -4.38
CA SER A 184 -31.98 -21.29 -4.45
C SER A 184 -33.33 -22.00 -4.46
N GLU A 185 -34.45 -21.28 -4.40
CA GLU A 185 -35.73 -21.95 -4.47
C GLU A 185 -35.90 -22.59 -5.85
N PRO A 186 -36.31 -23.86 -5.92
CA PRO A 186 -36.38 -24.54 -7.22
C PRO A 186 -37.40 -23.89 -8.14
N GLN A 187 -37.13 -23.99 -9.44
CA GLN A 187 -37.98 -23.42 -10.47
C GLN A 187 -38.48 -24.55 -11.38
N THR A 188 -39.79 -24.59 -11.60
CA THR A 188 -40.38 -25.63 -12.42
C THR A 188 -40.04 -25.41 -13.90
N ARG A 189 -39.80 -26.50 -14.61
CA ARG A 189 -39.50 -26.47 -16.03
C ARG A 189 -40.60 -27.17 -16.80
N SER A 190 -41.18 -26.47 -17.77
CA SER A 190 -42.26 -27.00 -18.58
C SER A 190 -42.00 -26.71 -20.05
N PRO A 191 -42.48 -27.58 -20.94
CA PRO A 191 -42.27 -27.34 -22.39
C PRO A 191 -42.92 -26.07 -22.90
N ASP A 192 -44.04 -25.64 -22.31
CA ASP A 192 -44.84 -24.57 -22.89
C ASP A 192 -44.19 -23.21 -22.65
N PHE A 193 -44.44 -22.30 -23.59
CA PHE A 193 -43.93 -20.94 -23.51
C PHE A 193 -44.67 -20.15 -22.45
N THR A 194 -43.94 -19.47 -21.57
CA THR A 194 -44.54 -18.69 -20.49
C THR A 194 -44.22 -17.21 -20.57
N ASN A 195 -42.95 -16.84 -20.66
CA ASN A 195 -42.53 -15.45 -20.54
C ASN A 195 -41.60 -15.07 -21.69
N GLU A 196 -41.65 -13.79 -22.06
CA GLU A 196 -40.84 -13.30 -23.17
C GLU A 196 -39.35 -13.42 -22.87
N ASN A 197 -38.94 -13.10 -21.65
CA ASN A 197 -37.54 -13.12 -21.29
C ASN A 197 -37.05 -14.56 -21.17
N PRO A 198 -35.96 -14.93 -21.86
CA PRO A 198 -35.45 -16.30 -21.72
C PRO A 198 -35.01 -16.66 -20.31
N LEU A 199 -34.57 -15.69 -19.50
CA LEU A 199 -34.09 -16.03 -18.16
C LEU A 199 -35.23 -16.47 -17.25
N GLU A 200 -36.38 -15.81 -17.33
CA GLU A 200 -37.52 -16.15 -16.49
C GLU A 200 -38.47 -17.16 -17.11
N THR A 201 -38.33 -17.47 -18.39
CA THR A 201 -39.20 -18.46 -19.01
C THR A 201 -38.89 -19.85 -18.47
N ARG A 202 -39.87 -20.74 -18.53
CA ARG A 202 -39.76 -22.05 -17.90
C ARG A 202 -39.19 -23.13 -18.80
N ASN A 203 -39.19 -22.93 -20.12
CA ASN A 203 -38.77 -23.99 -21.02
C ASN A 203 -37.28 -23.96 -21.34
N ILE A 204 -36.53 -23.00 -20.82
CA ILE A 204 -35.09 -22.92 -21.05
C ILE A 204 -34.37 -23.38 -19.79
N ALA A 205 -33.40 -24.27 -19.96
CA ALA A 205 -32.55 -24.73 -18.88
C ALA A 205 -31.12 -24.27 -19.15
N PHE A 206 -30.50 -23.65 -18.14
CA PHE A 206 -29.26 -22.92 -18.33
C PHE A 206 -28.05 -23.73 -17.87
N PHE A 207 -26.93 -23.47 -18.54
CA PHE A 207 -25.66 -24.08 -18.16
C PHE A 207 -25.22 -23.56 -16.79
N SER A 208 -24.52 -24.43 -16.05
CA SER A 208 -24.01 -24.23 -14.68
C SER A 208 -25.12 -24.38 -13.65
N THR A 209 -26.32 -24.79 -14.05
CA THR A 209 -27.39 -25.12 -13.14
C THR A 209 -27.59 -26.63 -13.12
N ASN A 210 -28.38 -27.09 -12.16
CA ASN A 210 -28.64 -28.51 -11.98
C ASN A 210 -30.13 -28.77 -11.80
N CYS A 211 -30.53 -29.98 -12.17
CA CYS A 211 -31.92 -30.41 -12.03
C CYS A 211 -32.11 -31.05 -10.66
N VAL A 212 -32.73 -30.32 -9.74
CA VAL A 212 -32.87 -30.81 -8.37
C VAL A 212 -33.76 -32.06 -8.32
N GLU A 213 -34.78 -32.11 -9.17
CA GLU A 213 -35.70 -33.24 -9.18
C GLU A 213 -36.40 -33.33 -10.53
N GLY A 214 -36.85 -34.53 -10.86
CA GLY A 214 -37.52 -34.78 -12.12
C GLY A 214 -36.58 -35.14 -13.25
N THR A 215 -37.17 -35.28 -14.44
CA THR A 215 -36.43 -35.59 -15.66
C THR A 215 -36.83 -34.63 -16.76
N ALA A 216 -35.90 -34.38 -17.68
CA ALA A 216 -36.17 -33.45 -18.77
C ALA A 216 -35.34 -33.82 -20.00
N ARG A 217 -36.02 -33.89 -21.15
CA ARG A 217 -35.39 -34.01 -22.46
C ARG A 217 -35.43 -32.64 -23.11
N GLY A 218 -34.26 -32.14 -23.51
CA GLY A 218 -34.17 -30.81 -24.09
C GLY A 218 -33.28 -30.79 -25.32
N ILE A 219 -33.32 -29.66 -26.02
CA ILE A 219 -32.55 -29.41 -27.23
C ILE A 219 -31.53 -28.33 -26.92
N VAL A 220 -30.26 -28.58 -27.27
CA VAL A 220 -29.21 -27.61 -27.03
C VAL A 220 -29.43 -26.40 -27.93
N VAL A 221 -29.38 -25.21 -27.34
CA VAL A 221 -29.49 -23.97 -28.10
C VAL A 221 -28.20 -23.17 -28.12
N TYR A 222 -27.33 -23.34 -27.12
CA TYR A 222 -26.04 -22.68 -27.08
C TYR A 222 -25.03 -23.60 -26.42
N THR A 223 -23.76 -23.39 -26.74
CA THR A 223 -22.71 -24.31 -26.32
C THR A 223 -21.43 -23.54 -26.02
N GLY A 224 -20.74 -23.95 -24.96
CA GLY A 224 -19.46 -23.33 -24.63
C GLY A 224 -19.62 -21.88 -24.23
N ASP A 225 -18.83 -21.01 -24.88
CA ASP A 225 -18.86 -19.59 -24.56
C ASP A 225 -20.17 -18.92 -24.97
N ARG A 226 -20.96 -19.56 -25.81
CA ARG A 226 -22.20 -18.98 -26.28
C ARG A 226 -23.35 -19.14 -25.30
N THR A 227 -23.16 -19.93 -24.23
CA THR A 227 -24.17 -20.06 -23.21
C THR A 227 -24.30 -18.76 -22.42
N VAL A 228 -25.42 -18.63 -21.71
CA VAL A 228 -25.66 -17.42 -20.92
C VAL A 228 -24.60 -17.28 -19.84
N MET A 229 -24.33 -18.35 -19.10
CA MET A 229 -23.30 -18.31 -18.07
C MET A 229 -21.90 -18.32 -18.66
N GLY A 230 -21.74 -18.84 -19.88
CA GLY A 230 -20.45 -18.75 -20.54
C GLY A 230 -20.06 -17.31 -20.86
N ARG A 231 -21.03 -16.52 -21.35
CA ARG A 231 -20.75 -15.12 -21.61
C ARG A 231 -20.48 -14.35 -20.32
N ILE A 232 -21.18 -14.71 -19.24
CA ILE A 232 -20.93 -14.08 -17.95
C ILE A 232 -19.53 -14.42 -17.46
N ALA A 233 -19.10 -15.68 -17.64
CA ALA A 233 -17.75 -16.07 -17.27
C ALA A 233 -16.71 -15.32 -18.09
N THR A 234 -16.95 -15.17 -19.39
CA THR A 234 -16.03 -14.42 -20.23
C THR A 234 -15.95 -12.97 -19.80
N LEU A 235 -17.10 -12.36 -19.48
CA LEU A 235 -17.12 -10.98 -19.02
C LEU A 235 -16.38 -10.82 -17.70
N ALA A 236 -16.56 -11.76 -16.77
CA ALA A 236 -15.87 -11.69 -15.48
C ALA A 236 -14.37 -11.87 -15.65
N SER A 237 -13.95 -12.79 -16.51
CA SER A 237 -12.53 -12.99 -16.75
C SER A 237 -11.91 -11.77 -17.42
N GLY A 238 -12.61 -11.18 -18.39
CA GLY A 238 -12.04 -10.06 -19.12
C GLY A 238 -11.96 -8.78 -18.33
N LEU A 239 -12.78 -8.65 -17.28
CA LEU A 239 -12.80 -7.43 -16.50
C LEU A 239 -11.54 -7.31 -15.64
N GLU A 240 -11.28 -6.08 -15.19
CA GLU A 240 -10.22 -5.79 -14.24
C GLU A 240 -10.74 -4.79 -13.22
N GLY A 241 -10.15 -4.82 -12.02
CA GLY A 241 -10.57 -3.91 -10.97
C GLY A 241 -10.08 -2.48 -11.14
N GLY A 242 -9.23 -2.23 -12.13
CA GLY A 242 -8.69 -0.90 -12.33
C GLY A 242 -7.56 -0.58 -11.36
N GLN A 243 -7.28 0.71 -11.25
CA GLN A 243 -6.27 1.18 -10.30
C GLN A 243 -6.92 1.47 -8.96
N THR A 244 -6.38 0.88 -7.91
CA THR A 244 -6.88 1.14 -6.56
C THR A 244 -6.55 2.58 -6.16
N PRO A 245 -7.38 3.19 -5.30
CA PRO A 245 -7.10 4.58 -4.89
C PRO A 245 -5.73 4.78 -4.26
N ILE A 246 -5.27 3.82 -3.45
CA ILE A 246 -3.96 3.95 -2.83
C ILE A 246 -2.87 3.93 -3.89
N ALA A 247 -3.07 3.16 -4.95
CA ALA A 247 -2.12 3.16 -6.06
C ALA A 247 -2.08 4.53 -6.73
N ALA A 248 -3.25 5.16 -6.89
CA ALA A 248 -3.28 6.49 -7.49
C ALA A 248 -2.57 7.52 -6.62
N GLU A 249 -2.77 7.46 -5.30
CA GLU A 249 -2.07 8.37 -4.40
C GLU A 249 -0.56 8.13 -4.45
N ILE A 250 -0.15 6.87 -4.49
CA ILE A 250 1.27 6.52 -4.55
C ILE A 250 1.89 7.08 -5.83
N GLU A 251 1.21 6.87 -6.96
CA GLU A 251 1.70 7.41 -8.22
C GLU A 251 1.76 8.94 -8.17
N HIS A 252 0.80 9.57 -7.49
CA HIS A 252 0.80 11.03 -7.41
C HIS A 252 2.03 11.56 -6.69
N PHE A 253 2.32 11.06 -5.48
CA PHE A 253 3.50 11.64 -4.84
C PHE A 253 4.79 11.13 -5.43
N ILE A 254 4.79 9.97 -6.09
CA ILE A 254 5.97 9.56 -6.86
C ILE A 254 6.23 10.56 -7.97
N HIS A 255 5.17 11.00 -8.66
CA HIS A 255 5.34 12.01 -9.70
C HIS A 255 5.89 13.31 -9.12
N ILE A 256 5.36 13.73 -7.98
CA ILE A 256 5.84 14.98 -7.37
C ILE A 256 7.32 14.89 -7.04
N ILE A 257 7.72 13.82 -6.35
CA ILE A 257 9.10 13.70 -5.90
C ILE A 257 10.05 13.51 -7.08
N THR A 258 9.62 12.73 -8.08
CA THR A 258 10.44 12.55 -9.27
C THR A 258 10.63 13.85 -10.02
N GLY A 259 9.58 14.67 -10.12
CA GLY A 259 9.73 15.95 -10.78
C GLY A 259 10.70 16.86 -10.05
N VAL A 260 10.58 16.92 -8.72
CA VAL A 260 11.52 17.74 -7.95
C VAL A 260 12.95 17.24 -8.13
N ALA A 261 13.14 15.91 -8.07
CA ALA A 261 14.47 15.34 -8.23
C ALA A 261 15.05 15.64 -9.60
N VAL A 262 14.25 15.50 -10.66
CA VAL A 262 14.72 15.77 -12.00
C VAL A 262 15.10 17.24 -12.15
N PHE A 263 14.25 18.14 -11.65
CA PHE A 263 14.55 19.56 -11.73
C PHE A 263 15.88 19.89 -11.06
N LEU A 264 16.04 19.45 -9.81
CA LEU A 264 17.28 19.74 -9.09
C LEU A 264 18.48 19.12 -9.78
N GLY A 265 18.37 17.85 -10.20
CA GLY A 265 19.50 17.18 -10.81
C GLY A 265 19.95 17.86 -12.08
N VAL A 266 19.01 18.16 -12.99
CA VAL A 266 19.42 18.75 -14.26
C VAL A 266 19.93 20.16 -14.05
N SER A 267 19.29 20.95 -13.19
CA SER A 267 19.72 22.32 -12.98
C SER A 267 21.13 22.37 -12.41
N PHE A 268 21.38 21.61 -11.34
CA PHE A 268 22.71 21.67 -10.73
C PHE A 268 23.76 20.91 -11.53
N PHE A 269 23.37 19.94 -12.36
CA PHE A 269 24.34 19.30 -13.24
C PHE A 269 24.81 20.26 -14.33
N ILE A 270 23.87 20.94 -15.00
CA ILE A 270 24.30 21.90 -16.01
C ILE A 270 25.06 23.05 -15.35
N LEU A 271 24.69 23.43 -14.11
CA LEU A 271 25.47 24.44 -13.40
C LEU A 271 26.89 23.96 -13.13
N SER A 272 27.06 22.70 -12.73
CA SER A 272 28.40 22.16 -12.52
C SER A 272 29.20 22.14 -13.81
N LEU A 273 28.55 21.91 -14.94
CA LEU A 273 29.24 22.05 -16.23
C LEU A 273 29.59 23.51 -16.51
N ILE A 274 28.78 24.46 -16.04
CA ILE A 274 29.11 25.87 -16.20
C ILE A 274 30.38 26.20 -15.42
N LEU A 275 30.54 25.63 -14.23
CA LEU A 275 31.67 25.94 -13.37
C LEU A 275 32.94 25.19 -13.76
N GLU A 276 32.97 24.57 -14.94
CA GLU A 276 34.15 23.85 -15.44
C GLU A 276 34.57 22.74 -14.48
N TYR A 277 33.58 21.99 -14.00
CA TYR A 277 33.85 20.74 -13.32
C TYR A 277 34.26 19.68 -14.34
N THR A 278 35.05 18.71 -13.90
CA THR A 278 35.35 17.58 -14.75
C THR A 278 34.13 16.70 -14.90
N TRP A 279 34.15 15.85 -15.93
CA TRP A 279 33.02 14.95 -16.14
C TRP A 279 32.84 14.00 -14.96
N LEU A 280 33.95 13.48 -14.42
CA LEU A 280 33.87 12.60 -13.27
C LEU A 280 33.27 13.32 -12.06
N GLU A 281 33.73 14.54 -11.80
CA GLU A 281 33.19 15.30 -10.67
C GLU A 281 31.70 15.58 -10.87
N ALA A 282 31.31 15.95 -12.09
CA ALA A 282 29.91 16.24 -12.37
C ALA A 282 29.04 15.01 -12.18
N VAL A 283 29.49 13.84 -12.63
CA VAL A 283 28.67 12.64 -12.47
C VAL A 283 28.63 12.19 -11.02
N ILE A 284 29.71 12.37 -10.26
CA ILE A 284 29.65 12.05 -8.83
C ILE A 284 28.65 12.96 -8.12
N PHE A 285 28.67 14.26 -8.46
CA PHE A 285 27.72 15.18 -7.87
C PHE A 285 26.28 14.80 -8.25
N LEU A 286 26.06 14.39 -9.50
CA LEU A 286 24.73 14.00 -9.93
C LEU A 286 24.25 12.75 -9.22
N ILE A 287 25.15 11.77 -9.00
CA ILE A 287 24.79 10.59 -8.23
C ILE A 287 24.39 10.99 -6.83
N GLY A 288 25.16 11.89 -6.20
CA GLY A 288 24.79 12.36 -4.87
C GLY A 288 23.44 13.02 -4.83
N ILE A 289 23.15 13.89 -5.81
CA ILE A 289 21.86 14.57 -5.87
C ILE A 289 20.73 13.56 -6.03
N ILE A 290 20.92 12.58 -6.92
CA ILE A 290 19.87 11.60 -7.19
C ILE A 290 19.60 10.76 -5.96
N VAL A 291 20.64 10.31 -5.28
CA VAL A 291 20.45 9.51 -4.07
C VAL A 291 19.80 10.34 -2.97
N ALA A 292 20.19 11.62 -2.85
CA ALA A 292 19.62 12.46 -1.80
C ALA A 292 18.14 12.74 -2.04
N ASN A 293 17.74 12.97 -3.28
CA ASN A 293 16.36 13.33 -3.56
C ASN A 293 15.43 12.12 -3.43
N VAL A 294 15.86 10.96 -3.90
CA VAL A 294 14.99 9.79 -3.96
C VAL A 294 14.87 9.19 -2.55
N PRO A 295 13.66 8.99 -2.03
CA PRO A 295 13.49 8.20 -0.80
C PRO A 295 13.54 6.72 -1.10
N GLU A 296 14.66 6.08 -0.74
CA GLU A 296 14.87 4.68 -1.12
C GLU A 296 13.94 3.74 -0.37
N GLY A 297 13.62 4.05 0.89
CA GLY A 297 12.82 3.15 1.69
C GLY A 297 11.35 3.53 1.84
N LEU A 298 10.86 4.45 1.00
CA LEU A 298 9.49 4.92 1.17
C LEU A 298 8.47 3.87 0.75
N LEU A 299 8.68 3.24 -0.41
CA LEU A 299 7.70 2.30 -0.94
C LEU A 299 7.67 1.02 -0.12
N ALA A 300 8.84 0.53 0.30
CA ALA A 300 8.89 -0.63 1.16
C ALA A 300 8.19 -0.36 2.49
N THR A 301 8.32 0.86 3.00
CA THR A 301 7.63 1.23 4.23
C THR A 301 6.12 1.19 4.04
N VAL A 302 5.63 1.69 2.91
CA VAL A 302 4.20 1.66 2.62
C VAL A 302 3.71 0.21 2.52
N THR A 303 4.48 -0.65 1.85
CA THR A 303 4.11 -2.04 1.74
C THR A 303 4.06 -2.71 3.11
N VAL A 304 5.04 -2.41 3.97
CA VAL A 304 5.05 -3.01 5.30
C VAL A 304 3.86 -2.52 6.13
N CYS A 305 3.52 -1.24 6.03
CA CYS A 305 2.38 -0.72 6.76
C CYS A 305 1.08 -1.38 6.29
N LEU A 306 0.92 -1.53 4.98
CA LEU A 306 -0.26 -2.21 4.44
C LEU A 306 -0.31 -3.66 4.91
N THR A 307 0.83 -4.34 4.90
CA THR A 307 0.87 -5.75 5.35
C THR A 307 0.50 -5.86 6.82
N LEU A 308 1.00 -4.94 7.65
CA LEU A 308 0.68 -4.98 9.07
C LEU A 308 -0.81 -4.73 9.31
N THR A 309 -1.39 -3.79 8.57
CA THR A 309 -2.83 -3.55 8.72
C THR A 309 -3.64 -4.75 8.24
N ALA A 310 -3.20 -5.39 7.16
CA ALA A 310 -3.88 -6.60 6.69
C ALA A 310 -3.82 -7.71 7.72
N LYS A 311 -2.67 -7.88 8.37
CA LYS A 311 -2.55 -8.87 9.43
C LYS A 311 -3.41 -8.50 10.63
N ARG A 312 -3.63 -7.19 10.87
CA ARG A 312 -4.52 -6.77 11.94
C ARG A 312 -5.95 -7.21 11.67
N MET A 313 -6.38 -7.16 10.40
CA MET A 313 -7.72 -7.62 10.04
C MET A 313 -7.78 -9.13 9.85
N ALA A 314 -6.66 -9.78 9.53
CA ALA A 314 -6.66 -11.24 9.42
C ALA A 314 -6.96 -11.91 10.75
N ARG A 315 -6.69 -11.20 11.86
CA ARG A 315 -7.02 -11.73 13.18
C ARG A 315 -8.53 -11.71 13.42
N LYS A 316 -9.25 -10.77 12.82
CA LYS A 316 -10.69 -10.64 12.99
C LYS A 316 -11.48 -11.42 11.95
N ASN A 317 -10.92 -12.54 11.46
CA ASN A 317 -11.58 -13.42 10.49
C ASN A 317 -11.90 -12.68 9.20
N CYS A 318 -11.02 -11.77 8.80
CA CYS A 318 -11.17 -10.99 7.57
C CYS A 318 -9.90 -11.17 6.74
N LEU A 319 -9.98 -11.96 5.68
CA LEU A 319 -8.81 -12.29 4.88
C LEU A 319 -8.70 -11.34 3.70
N VAL A 320 -7.54 -10.70 3.56
CA VAL A 320 -7.29 -9.71 2.53
C VAL A 320 -6.41 -10.36 1.47
N LYS A 321 -6.97 -10.58 0.27
CA LYS A 321 -6.22 -11.22 -0.80
C LYS A 321 -5.30 -10.25 -1.52
N ASN A 322 -5.80 -9.06 -1.86
CA ASN A 322 -5.02 -8.02 -2.51
C ASN A 322 -4.64 -6.99 -1.47
N LEU A 323 -3.33 -6.74 -1.33
CA LEU A 323 -2.85 -5.87 -0.26
C LEU A 323 -3.40 -4.46 -0.38
N GLU A 324 -3.62 -3.98 -1.61
CA GLU A 324 -4.14 -2.63 -1.81
C GLU A 324 -5.60 -2.50 -1.39
N ALA A 325 -6.32 -3.61 -1.23
CA ALA A 325 -7.73 -3.56 -0.85
C ALA A 325 -7.93 -3.07 0.57
N VAL A 326 -6.87 -2.95 1.37
CA VAL A 326 -7.01 -2.52 2.75
C VAL A 326 -7.57 -1.11 2.82
N GLU A 327 -7.02 -0.19 2.04
CA GLU A 327 -7.43 1.20 2.09
C GLU A 327 -8.63 1.51 1.21
N THR A 328 -8.97 0.64 0.26
CA THR A 328 -10.11 0.89 -0.60
C THR A 328 -11.41 0.89 0.19
N LEU A 329 -11.53 -0.01 1.17
CA LEU A 329 -12.73 -0.03 2.00
C LEU A 329 -12.83 1.26 2.81
N GLY A 330 -11.70 1.77 3.32
CA GLY A 330 -11.72 3.02 4.04
C GLY A 330 -12.09 4.20 3.16
N SER A 331 -11.66 4.18 1.90
CA SER A 331 -11.99 5.24 0.96
C SER A 331 -13.39 5.08 0.36
N THR A 332 -14.04 3.95 0.57
CA THR A 332 -15.34 3.68 -0.05
C THR A 332 -16.38 4.70 0.35
N SER A 333 -17.17 5.14 -0.62
CA SER A 333 -18.31 6.01 -0.38
C SER A 333 -19.65 5.37 -0.73
N THR A 334 -19.66 4.31 -1.52
CA THR A 334 -20.88 3.61 -1.89
C THR A 334 -20.65 2.11 -1.79
N ILE A 335 -21.61 1.40 -1.21
CA ILE A 335 -21.57 -0.05 -1.09
C ILE A 335 -22.79 -0.63 -1.79
N CYS A 336 -22.56 -1.43 -2.82
CA CYS A 336 -23.61 -2.19 -3.48
C CYS A 336 -23.64 -3.59 -2.88
N SER A 337 -24.79 -3.98 -2.34
CA SER A 337 -24.90 -5.19 -1.54
C SER A 337 -25.90 -6.16 -2.17
N ASP A 338 -25.49 -7.42 -2.25
CA ASP A 338 -26.40 -8.51 -2.58
C ASP A 338 -27.30 -8.80 -1.38
N LYS A 339 -28.49 -9.34 -1.67
CA LYS A 339 -29.44 -9.61 -0.60
C LYS A 339 -29.22 -10.98 0.04
N THR A 340 -29.33 -12.04 -0.76
CA THR A 340 -29.34 -13.40 -0.22
C THR A 340 -27.91 -13.88 0.04
N GLY A 341 -27.69 -14.44 1.24
CA GLY A 341 -26.38 -14.91 1.61
C GLY A 341 -25.47 -13.81 2.12
N THR A 342 -25.64 -12.61 1.58
CA THR A 342 -24.81 -11.47 1.98
C THR A 342 -25.46 -10.69 3.13
N LEU A 343 -26.68 -10.18 2.92
CA LEU A 343 -27.41 -9.49 3.96
C LEU A 343 -28.30 -10.41 4.77
N THR A 344 -28.91 -11.40 4.12
CA THR A 344 -29.75 -12.38 4.79
C THR A 344 -28.96 -13.65 5.06
N GLN A 345 -29.61 -14.60 5.73
CA GLN A 345 -28.95 -15.83 6.16
C GLN A 345 -29.07 -16.97 5.16
N ASN A 346 -29.73 -16.76 4.02
CA ASN A 346 -29.91 -17.78 2.98
C ASN A 346 -30.59 -19.02 3.54
N ARG A 347 -31.46 -18.85 4.53
CA ARG A 347 -32.19 -19.95 5.14
C ARG A 347 -33.59 -19.49 5.48
N MET A 348 -34.59 -20.26 5.06
CA MET A 348 -35.98 -19.93 5.38
C MET A 348 -36.23 -20.21 6.85
N THR A 349 -36.67 -19.19 7.58
CA THR A 349 -36.83 -19.29 9.03
C THR A 349 -38.17 -18.68 9.42
N VAL A 350 -38.81 -19.28 10.43
CA VAL A 350 -40.08 -18.77 10.93
C VAL A 350 -39.86 -17.40 11.56
N ALA A 351 -40.70 -16.44 11.20
CA ALA A 351 -40.56 -15.06 11.65
C ALA A 351 -41.67 -14.63 12.60
N HIS A 352 -42.93 -14.94 12.30
CA HIS A 352 -44.05 -14.47 13.10
C HIS A 352 -45.08 -15.60 13.26
N MET A 353 -45.84 -15.51 14.34
CA MET A 353 -46.95 -16.42 14.59
C MET A 353 -48.17 -15.64 15.01
N TRP A 354 -49.30 -15.89 14.36
CA TRP A 354 -50.59 -15.34 14.76
C TRP A 354 -51.38 -16.44 15.47
N PHE A 355 -51.54 -16.27 16.78
CA PHE A 355 -52.42 -17.11 17.59
C PHE A 355 -52.68 -16.39 18.90
N ASP A 356 -53.69 -16.88 19.63
CA ASP A 356 -54.24 -16.16 20.78
C ASP A 356 -54.76 -14.79 20.39
N ASN A 357 -55.15 -14.66 19.12
CA ASN A 357 -55.49 -13.36 18.53
C ASN A 357 -54.37 -12.37 18.81
N GLN A 358 -53.13 -12.81 18.62
CA GLN A 358 -51.96 -12.03 18.94
C GLN A 358 -50.81 -12.41 18.02
N ILE A 359 -49.95 -11.44 17.73
CA ILE A 359 -48.79 -11.62 16.87
C ILE A 359 -47.56 -11.72 17.76
N HIS A 360 -46.88 -12.86 17.69
CA HIS A 360 -45.64 -13.09 18.44
C HIS A 360 -44.50 -13.27 17.46
N GLU A 361 -43.42 -12.52 17.66
CA GLU A 361 -42.27 -12.57 16.78
C GLU A 361 -41.20 -13.48 17.38
N ALA A 362 -40.80 -14.50 16.61
CA ALA A 362 -39.79 -15.44 17.05
C ALA A 362 -38.40 -14.93 16.71
N ASP A 363 -37.39 -15.60 17.26
CA ASP A 363 -36.01 -15.19 17.08
C ASP A 363 -35.49 -15.75 15.76
N THR A 364 -34.97 -14.86 14.91
CA THR A 364 -34.49 -15.25 13.59
C THR A 364 -32.98 -15.21 13.47
N THR A 365 -32.27 -14.73 14.49
CA THR A 365 -30.81 -14.65 14.41
C THR A 365 -30.21 -16.05 14.43
N GLU A 366 -29.09 -16.18 13.70
CA GLU A 366 -28.41 -17.48 13.63
C GLU A 366 -27.79 -17.85 14.97
N ASN A 367 -27.31 -16.86 15.73
CA ASN A 367 -26.70 -17.10 17.03
C ASN A 367 -27.70 -17.12 18.17
N GLN A 368 -28.98 -16.87 17.89
CA GLN A 368 -30.04 -16.94 18.91
C GLN A 368 -29.83 -15.93 20.04
N SER A 369 -29.21 -14.79 19.73
CA SER A 369 -29.00 -13.76 20.74
C SER A 369 -30.27 -13.02 21.10
N GLY A 370 -31.27 -13.03 20.22
CA GLY A 370 -32.51 -12.36 20.51
C GLY A 370 -33.37 -13.12 21.51
N VAL A 371 -34.41 -12.44 21.99
CA VAL A 371 -35.32 -13.06 22.95
C VAL A 371 -36.35 -13.91 22.21
N SER A 372 -36.92 -14.87 22.92
CA SER A 372 -37.95 -15.73 22.36
C SER A 372 -39.34 -15.26 22.79
N PHE A 373 -40.36 -15.91 22.24
CA PHE A 373 -41.74 -15.61 22.57
C PHE A 373 -42.24 -16.52 23.69
N ASP A 374 -43.53 -16.38 24.02
CA ASP A 374 -44.10 -17.11 25.14
C ASP A 374 -44.54 -18.51 24.71
N LYS A 375 -44.19 -19.50 25.53
CA LYS A 375 -44.54 -20.89 25.28
C LYS A 375 -45.67 -21.39 26.18
N THR A 376 -46.34 -20.49 26.90
CA THR A 376 -47.27 -20.87 27.96
C THR A 376 -48.67 -21.18 27.47
N SER A 377 -48.95 -21.06 26.18
CA SER A 377 -50.32 -21.21 25.70
C SER A 377 -50.60 -22.64 25.24
N ALA A 378 -51.76 -23.15 25.64
CA ALA A 378 -52.18 -24.50 25.22
C ALA A 378 -52.41 -24.56 23.72
N THR A 379 -53.01 -23.52 23.14
CA THR A 379 -53.16 -23.50 21.70
C THR A 379 -51.81 -23.34 21.01
N TRP A 380 -50.83 -22.74 21.69
CA TRP A 380 -49.47 -22.75 21.17
C TRP A 380 -48.90 -24.16 21.18
N LEU A 381 -49.17 -24.93 22.23
CA LEU A 381 -48.76 -26.34 22.24
C LEU A 381 -49.38 -27.09 21.08
N ALA A 382 -50.68 -26.88 20.85
CA ALA A 382 -51.36 -27.54 19.74
C ALA A 382 -50.79 -27.12 18.39
N LEU A 383 -50.53 -25.82 18.21
CA LEU A 383 -49.98 -25.33 16.95
C LEU A 383 -48.58 -25.87 16.71
N SER A 384 -47.75 -25.93 17.75
CA SER A 384 -46.43 -26.52 17.61
C SER A 384 -46.52 -27.99 17.24
N ARG A 385 -47.45 -28.71 17.87
CA ARG A 385 -47.64 -30.12 17.53
C ARG A 385 -48.02 -30.27 16.07
N ILE A 386 -48.97 -29.46 15.60
CA ILE A 386 -49.41 -29.57 14.21
C ILE A 386 -48.26 -29.25 13.26
N ALA A 387 -47.54 -28.16 13.53
CA ALA A 387 -46.46 -27.74 12.65
C ALA A 387 -45.35 -28.79 12.59
N GLY A 388 -44.97 -29.35 13.73
CA GLY A 388 -43.93 -30.35 13.74
C GLY A 388 -44.36 -31.75 13.36
N LEU A 389 -45.68 -32.01 13.27
CA LEU A 389 -46.13 -33.37 12.99
C LEU A 389 -46.71 -33.54 11.60
N CYS A 390 -47.23 -32.48 10.99
CA CYS A 390 -47.65 -32.53 9.59
C CYS A 390 -46.50 -32.27 8.64
N ASN A 391 -45.27 -32.50 9.08
CA ASN A 391 -44.05 -32.13 8.37
C ASN A 391 -43.40 -33.39 7.81
N ARG A 392 -43.23 -33.41 6.47
CA ARG A 392 -42.55 -34.55 5.84
C ARG A 392 -41.04 -34.48 6.03
N ALA A 393 -40.48 -33.28 6.18
CA ALA A 393 -39.03 -33.14 6.26
C ALA A 393 -38.48 -33.85 7.48
N VAL A 394 -37.23 -34.31 7.37
CA VAL A 394 -36.57 -35.03 8.45
C VAL A 394 -35.11 -34.65 8.46
N PHE A 395 -34.53 -34.62 9.65
CA PHE A 395 -33.12 -34.30 9.76
C PHE A 395 -32.26 -35.39 9.14
N GLN A 396 -31.17 -34.97 8.49
CA GLN A 396 -30.18 -35.91 8.02
C GLN A 396 -29.35 -36.41 9.20
N ALA A 397 -28.93 -37.66 9.14
CA ALA A 397 -28.28 -38.30 10.27
C ALA A 397 -26.81 -37.90 10.35
N ASN A 398 -26.16 -38.40 11.41
CA ASN A 398 -24.72 -38.22 11.64
C ASN A 398 -24.33 -36.76 11.78
N GLN A 399 -25.25 -35.92 12.26
CA GLN A 399 -24.93 -34.51 12.49
C GLN A 399 -25.59 -34.00 13.76
N GLU A 400 -25.76 -34.86 14.77
CA GLU A 400 -26.33 -34.42 16.03
C GLU A 400 -25.42 -33.44 16.77
N ASN A 401 -24.14 -33.38 16.41
CA ASN A 401 -23.21 -32.45 17.04
C ASN A 401 -23.13 -31.12 16.28
N LEU A 402 -24.28 -30.51 16.07
CA LEU A 402 -24.39 -29.24 15.36
C LEU A 402 -25.55 -28.43 15.94
N PRO A 403 -25.48 -27.11 15.86
CA PRO A 403 -26.67 -26.31 16.19
C PRO A 403 -27.82 -26.65 15.27
N ILE A 404 -29.03 -26.58 15.80
CA ILE A 404 -30.21 -27.06 15.07
C ILE A 404 -30.40 -26.27 13.78
N LEU A 405 -30.25 -24.94 13.87
CA LEU A 405 -30.45 -24.11 12.68
C LEU A 405 -29.39 -24.35 11.62
N LYS A 406 -28.20 -24.81 12.00
CA LYS A 406 -27.07 -24.98 11.10
C LYS A 406 -26.81 -26.44 10.79
N ARG A 407 -27.87 -27.23 10.65
CA ARG A 407 -27.74 -28.64 10.34
C ARG A 407 -28.62 -28.99 9.15
N ALA A 408 -28.15 -29.93 8.34
CA ALA A 408 -28.81 -30.25 7.09
C ALA A 408 -30.13 -30.99 7.33
N VAL A 409 -31.11 -30.70 6.48
CA VAL A 409 -32.43 -31.30 6.56
C VAL A 409 -32.83 -31.80 5.17
N ALA A 410 -33.45 -32.97 5.14
CA ALA A 410 -34.01 -33.55 3.93
C ALA A 410 -35.48 -33.12 3.89
N GLY A 411 -35.78 -32.17 3.01
CA GLY A 411 -37.14 -31.67 2.87
C GLY A 411 -37.11 -30.34 2.17
N ASP A 412 -38.31 -29.78 1.98
CA ASP A 412 -38.43 -28.47 1.37
C ASP A 412 -37.96 -27.38 2.33
N ALA A 413 -37.78 -26.17 1.79
CA ALA A 413 -37.37 -25.04 2.61
C ALA A 413 -38.44 -24.70 3.65
N SER A 414 -39.70 -24.71 3.25
CA SER A 414 -40.79 -24.49 4.20
C SER A 414 -40.84 -25.59 5.26
N GLU A 415 -40.77 -26.85 4.83
CA GLU A 415 -40.84 -27.95 5.77
C GLU A 415 -39.66 -27.92 6.75
N SER A 416 -38.47 -27.61 6.23
CA SER A 416 -37.30 -27.50 7.10
C SER A 416 -37.42 -26.33 8.07
N ALA A 417 -37.97 -25.21 7.61
CA ALA A 417 -38.19 -24.06 8.49
C ALA A 417 -39.10 -24.43 9.65
N LEU A 418 -40.23 -25.09 9.34
CA LEU A 418 -41.13 -25.52 10.40
C LEU A 418 -40.44 -26.53 11.33
N LEU A 419 -39.68 -27.47 10.76
CA LEU A 419 -38.99 -28.46 11.56
C LEU A 419 -38.05 -27.81 12.56
N LYS A 420 -37.20 -26.90 12.08
CA LYS A 420 -36.23 -26.24 12.96
C LYS A 420 -36.91 -25.35 13.98
N CYS A 421 -37.97 -24.65 13.58
CA CYS A 421 -38.70 -23.81 14.53
C CYS A 421 -39.28 -24.65 15.65
N ILE A 422 -39.90 -25.79 15.32
CA ILE A 422 -40.47 -26.67 16.33
C ILE A 422 -39.37 -27.22 17.23
N GLU A 423 -38.23 -27.60 16.64
CA GLU A 423 -37.13 -28.13 17.45
C GLU A 423 -36.63 -27.10 18.46
N LEU A 424 -36.43 -25.86 18.02
CA LEU A 424 -36.02 -24.81 18.96
C LEU A 424 -37.10 -24.54 20.01
N CYS A 425 -38.36 -24.50 19.60
CA CYS A 425 -39.41 -24.07 20.51
C CYS A 425 -39.69 -25.12 21.59
N CYS A 426 -39.92 -26.37 21.20
CA CYS A 426 -40.33 -27.35 22.18
C CYS A 426 -40.08 -28.76 21.66
N GLY A 427 -39.54 -29.61 22.54
CA GLY A 427 -39.39 -31.03 22.30
C GLY A 427 -38.54 -31.35 21.08
N SER A 428 -38.78 -32.55 20.55
CA SER A 428 -38.14 -32.98 19.31
C SER A 428 -39.16 -33.72 18.46
N VAL A 429 -38.99 -33.60 17.15
CA VAL A 429 -39.98 -34.14 16.21
C VAL A 429 -39.91 -35.66 16.16
N LYS A 430 -38.73 -36.24 16.37
CA LYS A 430 -38.65 -37.70 16.45
C LYS A 430 -39.55 -38.22 17.58
N GLU A 431 -39.47 -37.60 18.75
CA GLU A 431 -40.31 -38.03 19.86
C GLU A 431 -41.79 -37.66 19.62
N MET A 432 -42.05 -36.55 18.94
CA MET A 432 -43.44 -36.23 18.60
C MET A 432 -44.05 -37.29 17.70
N ARG A 433 -43.31 -37.78 16.72
CA ARG A 433 -43.82 -38.89 15.91
C ARG A 433 -43.85 -40.21 16.65
N GLU A 434 -42.94 -40.43 17.61
CA GLU A 434 -43.03 -41.62 18.44
C GLU A 434 -44.32 -41.64 19.26
N ARG A 435 -44.67 -40.50 19.86
CA ARG A 435 -45.85 -40.45 20.72
C ARG A 435 -47.14 -40.49 19.90
N TYR A 436 -47.16 -39.81 18.76
CA TYR A 436 -48.33 -39.78 17.88
C TYR A 436 -47.98 -40.57 16.63
N ALA A 437 -48.48 -41.80 16.54
CA ALA A 437 -48.21 -42.64 15.39
C ALA A 437 -49.08 -42.21 14.22
N LYS A 438 -48.45 -41.92 13.08
CA LYS A 438 -49.17 -41.51 11.89
C LYS A 438 -49.89 -42.70 11.28
N ILE A 439 -51.21 -42.60 11.16
CA ILE A 439 -51.99 -43.73 10.65
C ILE A 439 -52.38 -43.51 9.20
N VAL A 440 -52.45 -42.25 8.76
CA VAL A 440 -52.68 -41.96 7.35
C VAL A 440 -52.31 -40.51 7.07
N GLU A 441 -52.00 -40.20 5.82
CA GLU A 441 -51.70 -38.82 5.42
C GLU A 441 -52.13 -38.62 3.97
N ILE A 442 -52.40 -37.36 3.63
CA ILE A 442 -52.66 -36.92 2.27
C ILE A 442 -51.72 -35.75 1.98
N PRO A 443 -50.82 -35.88 0.99
CA PRO A 443 -49.82 -34.83 0.74
C PRO A 443 -50.37 -33.62 -0.01
N PHE A 444 -49.50 -32.64 -0.24
CA PHE A 444 -49.90 -31.43 -0.94
C PHE A 444 -50.33 -31.75 -2.37
N ASN A 445 -51.36 -31.05 -2.84
CA ASN A 445 -51.94 -31.29 -4.15
C ASN A 445 -52.04 -29.98 -4.94
N SER A 446 -51.88 -30.10 -6.26
CA SER A 446 -51.97 -28.92 -7.13
C SER A 446 -53.40 -28.38 -7.17
N THR A 447 -54.39 -29.25 -7.02
CA THR A 447 -55.80 -28.82 -7.05
C THR A 447 -56.38 -28.63 -5.66
N ASN A 448 -55.75 -29.15 -4.62
CA ASN A 448 -56.24 -29.01 -3.25
C ASN A 448 -55.51 -27.92 -2.48
N LYS A 449 -54.20 -27.78 -2.71
CA LYS A 449 -53.36 -26.76 -2.07
C LYS A 449 -53.29 -26.92 -0.56
N TYR A 450 -53.41 -28.14 -0.04
CA TYR A 450 -53.29 -28.35 1.39
C TYR A 450 -52.80 -29.76 1.66
N GLN A 451 -52.30 -29.98 2.87
CA GLN A 451 -51.77 -31.26 3.30
C GLN A 451 -52.38 -31.64 4.63
N LEU A 452 -52.77 -32.91 4.78
CA LEU A 452 -53.40 -33.38 6.01
C LEU A 452 -52.76 -34.68 6.48
N SER A 453 -52.93 -34.95 7.76
CA SER A 453 -52.42 -36.17 8.37
C SER A 453 -53.33 -36.57 9.53
N ILE A 454 -53.86 -37.78 9.49
CA ILE A 454 -54.71 -38.31 10.55
C ILE A 454 -53.89 -39.30 11.36
N HIS A 455 -53.94 -39.15 12.69
CA HIS A 455 -53.08 -39.93 13.57
C HIS A 455 -53.71 -39.99 14.96
N LYS A 456 -53.00 -40.67 15.87
CA LYS A 456 -53.53 -41.00 17.19
C LYS A 456 -53.64 -39.76 18.08
N ASN A 457 -54.70 -39.74 18.90
CA ASN A 457 -55.05 -38.58 19.68
C ASN A 457 -54.02 -38.28 20.77
N PRO A 458 -53.97 -37.03 21.24
CA PRO A 458 -53.13 -36.72 22.41
C PRO A 458 -53.75 -37.13 23.73
N ASN A 459 -55.07 -37.33 23.78
CA ASN A 459 -55.77 -37.69 25.01
C ASN A 459 -55.62 -39.17 25.37
N THR A 460 -55.01 -39.97 24.48
CA THR A 460 -54.70 -41.38 24.66
C THR A 460 -55.95 -42.25 24.58
N SER A 461 -57.14 -41.65 24.51
CA SER A 461 -58.36 -42.41 24.35
C SER A 461 -58.36 -43.15 23.02
N GLU A 462 -58.87 -44.38 23.04
CA GLU A 462 -58.89 -45.20 21.83
C GLU A 462 -59.73 -44.59 20.70
N PRO A 463 -61.00 -44.20 20.91
CA PRO A 463 -61.81 -43.76 19.76
C PRO A 463 -61.28 -42.52 19.06
N GLN A 464 -60.65 -41.60 19.79
CA GLN A 464 -60.30 -40.31 19.23
C GLN A 464 -59.04 -40.39 18.39
N HIS A 465 -59.10 -39.77 17.20
CA HIS A 465 -57.94 -39.47 16.38
C HIS A 465 -58.04 -38.01 15.99
N LEU A 466 -56.93 -37.46 15.50
CA LEU A 466 -56.93 -36.07 15.04
C LEU A 466 -56.38 -35.97 13.62
N LEU A 467 -57.00 -35.09 12.85
CA LEU A 467 -56.52 -34.68 11.54
C LEU A 467 -55.87 -33.31 11.68
N VAL A 468 -54.61 -33.20 11.26
CA VAL A 468 -53.89 -31.94 11.25
C VAL A 468 -53.67 -31.53 9.80
N MET A 469 -54.00 -30.27 9.49
CA MET A 469 -53.96 -29.78 8.13
C MET A 469 -53.21 -28.45 8.07
N LYS A 470 -52.36 -28.31 7.06
CA LYS A 470 -51.70 -27.05 6.76
C LYS A 470 -51.99 -26.65 5.32
N GLY A 471 -52.04 -25.35 5.09
CA GLY A 471 -52.35 -24.87 3.76
C GLY A 471 -52.27 -23.36 3.66
N ALA A 472 -52.84 -22.84 2.58
CA ALA A 472 -52.87 -21.41 2.35
C ALA A 472 -53.72 -20.73 3.43
N PRO A 473 -53.34 -19.51 3.87
CA PRO A 473 -54.01 -18.90 5.01
C PRO A 473 -55.47 -18.55 4.78
N GLU A 474 -55.75 -17.75 3.75
CA GLU A 474 -57.11 -17.25 3.56
C GLU A 474 -58.06 -18.31 3.00
N ARG A 475 -57.54 -19.45 2.56
CA ARG A 475 -58.38 -20.51 2.02
C ARG A 475 -58.68 -21.61 3.04
N ILE A 476 -57.79 -21.82 4.01
CA ILE A 476 -57.91 -22.97 4.89
C ILE A 476 -59.07 -22.79 5.87
N LEU A 477 -59.37 -21.55 6.26
CA LEU A 477 -60.50 -21.32 7.14
C LEU A 477 -61.82 -21.32 6.40
N ASP A 478 -61.81 -21.35 5.06
CA ASP A 478 -63.04 -21.59 4.32
C ASP A 478 -63.62 -22.96 4.67
N ARG A 479 -62.76 -23.90 5.07
CA ARG A 479 -63.22 -25.20 5.55
C ARG A 479 -63.40 -25.21 7.06
N CYS A 480 -62.80 -24.27 7.77
CA CYS A 480 -62.89 -24.23 9.22
C CYS A 480 -64.15 -23.50 9.66
N SER A 481 -64.57 -23.78 10.90
CA SER A 481 -65.73 -23.12 11.51
C SER A 481 -65.50 -22.68 12.95
N SER A 482 -64.39 -23.04 13.59
CA SER A 482 -64.12 -22.65 14.96
C SER A 482 -62.63 -22.39 15.13
N ILE A 483 -62.27 -21.80 16.26
CA ILE A 483 -60.89 -21.45 16.58
C ILE A 483 -60.60 -21.84 18.02
N LEU A 484 -59.32 -22.05 18.32
CA LEU A 484 -58.85 -22.26 19.68
C LEU A 484 -58.29 -20.95 20.22
N LEU A 485 -58.74 -20.57 21.41
CA LEU A 485 -58.29 -19.35 22.07
C LEU A 485 -57.95 -19.70 23.51
N HIS A 486 -56.65 -19.74 23.82
CA HIS A 486 -56.15 -20.09 25.15
C HIS A 486 -56.70 -21.44 25.62
N GLY A 487 -56.76 -22.40 24.69
CA GLY A 487 -57.25 -23.72 25.01
C GLY A 487 -58.75 -23.88 25.02
N LYS A 488 -59.51 -22.82 24.76
CA LYS A 488 -60.96 -22.86 24.77
C LYS A 488 -61.48 -22.58 23.37
N GLU A 489 -62.40 -23.41 22.89
CA GLU A 489 -62.92 -23.28 21.54
C GLU A 489 -64.21 -22.45 21.55
N GLN A 490 -64.32 -21.56 20.57
CA GLN A 490 -65.50 -20.75 20.36
C GLN A 490 -65.82 -20.73 18.88
N PRO A 491 -67.08 -20.50 18.51
CA PRO A 491 -67.44 -20.46 17.09
C PRO A 491 -66.78 -19.28 16.38
N LEU A 492 -66.67 -19.41 15.06
CA LEU A 492 -66.00 -18.40 14.25
C LEU A 492 -66.85 -17.14 14.21
N ASP A 493 -66.32 -16.05 14.76
CA ASP A 493 -67.00 -14.76 14.80
C ASP A 493 -66.55 -13.88 13.65
N GLU A 494 -67.45 -13.00 13.20
CA GLU A 494 -67.12 -12.10 12.10
C GLU A 494 -66.00 -11.14 12.49
N GLU A 495 -66.01 -10.67 13.75
CA GLU A 495 -64.90 -9.88 14.24
C GLU A 495 -63.60 -10.67 14.21
N LEU A 496 -63.68 -11.95 14.61
CA LEU A 496 -62.51 -12.83 14.52
C LEU A 496 -62.04 -12.99 13.09
N LYS A 497 -62.99 -13.12 12.15
CA LYS A 497 -62.62 -13.24 10.74
C LYS A 497 -61.91 -11.99 10.25
N ASP A 498 -62.43 -10.81 10.61
CA ASP A 498 -61.80 -9.57 10.19
C ASP A 498 -60.41 -9.43 10.82
N ALA A 499 -60.26 -9.80 12.09
CA ALA A 499 -58.95 -9.76 12.73
C ALA A 499 -57.99 -10.71 12.05
N PHE A 500 -58.46 -11.89 11.65
CA PHE A 500 -57.63 -12.83 10.90
C PHE A 500 -57.18 -12.22 9.59
N GLN A 501 -58.08 -11.53 8.89
CA GLN A 501 -57.71 -10.88 7.64
C GLN A 501 -56.65 -9.80 7.86
N ASN A 502 -56.84 -8.98 8.91
CA ASN A 502 -55.84 -7.97 9.22
C ASN A 502 -54.48 -8.61 9.51
N ALA A 503 -54.47 -9.69 10.29
CA ALA A 503 -53.20 -10.36 10.61
C ALA A 503 -52.56 -10.96 9.37
N TYR A 504 -53.36 -11.56 8.50
CA TYR A 504 -52.82 -12.16 7.28
C TYR A 504 -52.20 -11.10 6.38
N LEU A 505 -52.87 -9.95 6.21
CA LEU A 505 -52.29 -8.88 5.40
C LEU A 505 -51.06 -8.27 6.08
N GLU A 506 -51.07 -8.19 7.41
CA GLU A 506 -49.96 -7.56 8.11
C GLU A 506 -48.70 -8.42 8.04
N LEU A 507 -48.85 -9.72 8.30
CA LEU A 507 -47.70 -10.63 8.16
C LEU A 507 -47.26 -10.72 6.70
N GLY A 508 -48.22 -10.79 5.77
CA GLY A 508 -47.87 -10.79 4.37
C GLY A 508 -47.23 -9.51 3.90
N GLY A 509 -47.60 -8.39 4.53
CA GLY A 509 -47.01 -7.10 4.19
C GLY A 509 -45.54 -6.97 4.54
N LEU A 510 -45.01 -7.92 5.31
CA LEU A 510 -43.59 -7.95 5.67
C LEU A 510 -42.78 -8.81 4.71
N GLY A 511 -43.34 -9.18 3.57
CA GLY A 511 -42.64 -10.02 2.61
C GLY A 511 -42.39 -11.43 3.08
N GLU A 512 -43.37 -12.04 3.74
CA GLU A 512 -43.23 -13.38 4.32
C GLU A 512 -44.30 -14.31 3.77
N ARG A 513 -43.92 -15.55 3.53
CA ARG A 513 -44.89 -16.58 3.15
C ARG A 513 -45.66 -17.01 4.37
N VAL A 514 -46.99 -16.94 4.30
CA VAL A 514 -47.86 -17.23 5.44
C VAL A 514 -48.55 -18.57 5.19
N LEU A 515 -48.65 -19.39 6.23
CA LEU A 515 -49.34 -20.66 6.16
C LEU A 515 -50.27 -20.80 7.36
N GLY A 516 -51.39 -21.48 7.14
CA GLY A 516 -52.39 -21.72 8.18
C GLY A 516 -52.39 -23.18 8.59
N PHE A 517 -52.52 -23.41 9.90
CA PHE A 517 -52.55 -24.74 10.48
C PHE A 517 -53.78 -24.90 11.36
N CYS A 518 -54.43 -26.05 11.23
CA CYS A 518 -55.66 -26.36 11.96
C CYS A 518 -55.70 -27.86 12.24
N HIS A 519 -56.60 -28.26 13.13
CA HIS A 519 -56.83 -29.68 13.38
C HIS A 519 -58.29 -29.92 13.67
N LEU A 520 -58.67 -31.19 13.65
CA LEU A 520 -60.03 -31.63 13.93
C LEU A 520 -60.00 -32.97 14.65
N PHE A 521 -60.95 -33.16 15.56
CA PHE A 521 -61.09 -34.39 16.32
C PHE A 521 -62.33 -35.14 15.86
N LEU A 522 -62.32 -36.45 16.10
CA LEU A 522 -63.50 -37.26 15.79
C LEU A 522 -64.66 -36.86 16.69
N PRO A 523 -65.86 -36.67 16.13
CA PRO A 523 -67.01 -36.26 16.96
C PRO A 523 -67.41 -37.33 17.97
N ASP A 524 -67.62 -38.56 17.50
CA ASP A 524 -68.04 -39.65 18.36
C ASP A 524 -67.64 -40.97 17.70
N GLU A 525 -68.26 -42.06 18.16
CA GLU A 525 -67.86 -43.40 17.74
C GLU A 525 -68.41 -43.80 16.36
N GLN A 526 -69.03 -42.87 15.62
CA GLN A 526 -69.61 -43.26 14.33
C GLN A 526 -68.52 -43.68 13.35
N PHE A 527 -67.33 -43.10 13.47
CA PHE A 527 -66.19 -43.55 12.67
C PHE A 527 -65.24 -44.33 13.58
N PRO A 528 -65.10 -45.64 13.40
CA PRO A 528 -64.25 -46.43 14.29
C PRO A 528 -62.77 -46.30 13.92
N GLU A 529 -61.93 -46.68 14.88
CA GLU A 529 -60.49 -46.63 14.66
C GLU A 529 -60.03 -47.64 13.61
N GLY A 530 -60.72 -48.79 13.52
CA GLY A 530 -60.34 -49.82 12.57
C GLY A 530 -60.68 -49.52 11.13
N PHE A 531 -61.45 -48.47 10.88
CA PHE A 531 -61.78 -48.10 9.51
C PHE A 531 -60.52 -47.66 8.76
N GLN A 532 -60.39 -48.11 7.51
CA GLN A 532 -59.23 -47.80 6.70
C GLN A 532 -59.45 -46.46 6.01
N PHE A 533 -58.52 -45.53 6.23
CA PHE A 533 -58.57 -44.22 5.60
C PHE A 533 -57.91 -44.19 4.23
N ASP A 534 -57.30 -45.30 3.80
CA ASP A 534 -56.59 -45.33 2.52
C ASP A 534 -57.53 -45.34 1.32
N THR A 535 -58.83 -45.49 1.53
CA THR A 535 -59.80 -45.50 0.43
C THR A 535 -59.78 -44.15 -0.29
N ASP A 536 -59.34 -44.16 -1.55
CA ASP A 536 -59.26 -42.93 -2.31
C ASP A 536 -60.65 -42.41 -2.67
N ASP A 537 -60.79 -41.09 -2.68
CA ASP A 537 -62.05 -40.42 -3.00
C ASP A 537 -63.17 -40.89 -2.07
N VAL A 538 -62.86 -41.05 -0.79
CA VAL A 538 -63.87 -41.48 0.18
C VAL A 538 -64.87 -40.35 0.39
N ASN A 539 -66.09 -40.73 0.77
CA ASN A 539 -67.17 -39.78 0.99
C ASN A 539 -67.16 -39.22 2.40
N PHE A 540 -66.00 -38.71 2.82
CA PHE A 540 -65.82 -38.10 4.13
C PHE A 540 -65.18 -36.74 3.93
N PRO A 541 -65.97 -35.71 3.65
CA PRO A 541 -65.39 -34.37 3.40
C PRO A 541 -64.66 -33.84 4.63
N ILE A 542 -63.60 -33.08 4.38
CA ILE A 542 -62.81 -32.46 5.43
C ILE A 542 -63.32 -31.04 5.59
N ASP A 543 -64.27 -30.84 6.49
CA ASP A 543 -64.88 -29.53 6.69
C ASP A 543 -65.13 -29.31 8.17
N ASN A 544 -65.54 -28.09 8.51
CA ASN A 544 -65.86 -27.71 9.88
C ASN A 544 -64.69 -27.93 10.82
N LEU A 545 -63.48 -27.60 10.35
CA LEU A 545 -62.28 -27.79 11.13
C LEU A 545 -62.14 -26.68 12.17
N CYS A 546 -61.14 -26.81 13.04
CA CYS A 546 -60.86 -25.83 14.08
C CYS A 546 -59.54 -25.13 13.73
N PHE A 547 -59.63 -23.89 13.27
CA PHE A 547 -58.45 -23.12 12.92
C PHE A 547 -57.61 -22.92 14.19
N VAL A 548 -56.30 -23.12 14.05
CA VAL A 548 -55.38 -23.06 15.19
C VAL A 548 -54.46 -21.85 15.10
N GLY A 549 -53.77 -21.68 13.98
CA GLY A 549 -52.86 -20.55 13.93
C GLY A 549 -52.30 -20.28 12.55
N LEU A 550 -51.54 -19.19 12.46
CA LEU A 550 -50.81 -18.79 11.27
C LEU A 550 -49.33 -18.68 11.59
N ILE A 551 -48.49 -19.18 10.68
CA ILE A 551 -47.04 -19.05 10.82
C ILE A 551 -46.48 -18.43 9.55
N SER A 552 -45.61 -17.45 9.69
CA SER A 552 -44.99 -16.78 8.56
C SER A 552 -43.51 -17.13 8.49
N MET A 553 -42.95 -17.04 7.28
CA MET A 553 -41.58 -17.45 7.01
C MET A 553 -40.91 -16.45 6.08
N ILE A 554 -39.61 -16.26 6.28
CA ILE A 554 -38.82 -15.35 5.47
C ILE A 554 -37.36 -15.76 5.58
N ASP A 555 -36.56 -15.36 4.61
CA ASP A 555 -35.11 -15.49 4.72
C ASP A 555 -34.60 -14.28 5.49
N PRO A 556 -34.31 -14.43 6.79
CA PRO A 556 -34.15 -13.26 7.65
C PRO A 556 -32.75 -12.67 7.52
N PRO A 557 -32.58 -11.40 7.88
CA PRO A 557 -31.25 -10.79 7.88
C PRO A 557 -30.35 -11.43 8.93
N ARG A 558 -29.05 -11.33 8.68
CA ARG A 558 -28.07 -11.77 9.67
C ARG A 558 -28.15 -10.87 10.91
N ALA A 559 -27.54 -11.36 11.99
CA ALA A 559 -27.67 -10.68 13.28
C ALA A 559 -27.05 -9.28 13.25
N ALA A 560 -25.86 -9.15 12.66
CA ALA A 560 -25.12 -7.90 12.71
C ALA A 560 -25.38 -6.98 11.52
N VAL A 561 -26.15 -7.41 10.54
CA VAL A 561 -26.36 -6.64 9.31
C VAL A 561 -27.06 -5.31 9.55
N PRO A 562 -28.16 -5.24 10.32
CA PRO A 562 -28.80 -3.93 10.53
C PRO A 562 -27.89 -2.90 11.20
N ASP A 563 -27.17 -3.30 12.24
CA ASP A 563 -26.27 -2.38 12.92
C ASP A 563 -25.11 -1.98 12.01
N ALA A 564 -24.63 -2.92 11.20
CA ALA A 564 -23.54 -2.59 10.27
C ALA A 564 -24.00 -1.60 9.22
N VAL A 565 -25.21 -1.78 8.68
CA VAL A 565 -25.76 -0.83 7.73
C VAL A 565 -25.93 0.54 8.38
N GLY A 566 -26.41 0.56 9.62
CA GLY A 566 -26.53 1.83 10.33
C GLY A 566 -25.20 2.54 10.52
N LYS A 567 -24.17 1.79 10.92
CA LYS A 567 -22.85 2.39 11.10
C LYS A 567 -22.30 2.90 9.78
N CYS A 568 -22.46 2.13 8.70
CA CYS A 568 -21.98 2.57 7.40
C CYS A 568 -22.70 3.84 6.94
N ARG A 569 -24.01 3.91 7.16
CA ARG A 569 -24.75 5.13 6.80
C ARG A 569 -24.29 6.31 7.66
N SER A 570 -24.00 6.07 8.94
CA SER A 570 -23.44 7.12 9.78
C SER A 570 -22.09 7.60 9.26
N ALA A 571 -21.29 6.68 8.71
CA ALA A 571 -19.99 7.02 8.13
C ALA A 571 -20.10 7.71 6.78
N GLY A 572 -21.29 8.08 6.35
CA GLY A 572 -21.46 8.79 5.09
C GLY A 572 -21.46 7.92 3.86
N ILE A 573 -21.63 6.61 4.01
CA ILE A 573 -21.60 5.67 2.90
C ILE A 573 -23.02 5.41 2.42
N LYS A 574 -23.24 5.57 1.12
CA LYS A 574 -24.53 5.25 0.52
C LYS A 574 -24.58 3.76 0.23
N VAL A 575 -25.54 3.07 0.84
CA VAL A 575 -25.65 1.62 0.73
C VAL A 575 -26.82 1.31 -0.20
N ILE A 576 -26.52 0.81 -1.38
CA ILE A 576 -27.49 0.44 -2.39
C ILE A 576 -27.65 -1.08 -2.36
N MET A 577 -28.86 -1.54 -2.66
CA MET A 577 -29.22 -2.94 -2.62
C MET A 577 -29.45 -3.44 -4.04
N VAL A 578 -28.60 -4.35 -4.51
CA VAL A 578 -28.74 -4.96 -5.82
C VAL A 578 -28.98 -6.44 -5.61
N THR A 579 -30.14 -6.92 -6.04
CA THR A 579 -30.52 -8.31 -5.82
C THR A 579 -31.17 -8.87 -7.08
N GLY A 580 -31.06 -10.19 -7.23
CA GLY A 580 -31.75 -10.92 -8.28
C GLY A 580 -33.07 -11.51 -7.85
N ASP A 581 -33.59 -11.10 -6.70
CA ASP A 581 -34.83 -11.64 -6.16
C ASP A 581 -36.01 -10.73 -6.52
N HIS A 582 -37.20 -11.16 -6.13
CA HIS A 582 -38.41 -10.44 -6.49
C HIS A 582 -38.50 -9.12 -5.72
N PRO A 583 -39.13 -8.10 -6.32
CA PRO A 583 -39.11 -6.76 -5.71
C PRO A 583 -39.73 -6.69 -4.32
N ILE A 584 -40.77 -7.48 -4.04
CA ILE A 584 -41.44 -7.36 -2.74
C ILE A 584 -40.53 -7.84 -1.62
N THR A 585 -39.90 -9.01 -1.82
CA THR A 585 -38.94 -9.49 -0.82
C THR A 585 -37.76 -8.55 -0.70
N ALA A 586 -37.29 -7.99 -1.81
CA ALA A 586 -36.19 -7.05 -1.76
C ALA A 586 -36.54 -5.82 -0.93
N LYS A 587 -37.73 -5.26 -1.14
CA LYS A 587 -38.15 -4.10 -0.36
C LYS A 587 -38.32 -4.46 1.12
N ALA A 588 -38.91 -5.62 1.40
CA ALA A 588 -39.07 -6.02 2.79
C ALA A 588 -37.73 -6.17 3.50
N ILE A 589 -36.75 -6.81 2.84
CA ILE A 589 -35.45 -6.99 3.44
C ILE A 589 -34.74 -5.66 3.59
N ALA A 590 -34.92 -4.75 2.62
CA ALA A 590 -34.32 -3.43 2.71
C ALA A 590 -34.86 -2.67 3.92
N LYS A 591 -36.17 -2.74 4.16
CA LYS A 591 -36.73 -2.11 5.36
C LYS A 591 -36.26 -2.81 6.62
N GLY A 592 -36.11 -4.13 6.58
CA GLY A 592 -35.66 -4.85 7.77
C GLY A 592 -34.24 -4.52 8.17
N VAL A 593 -33.33 -4.47 7.20
CA VAL A 593 -31.92 -4.24 7.53
C VAL A 593 -31.56 -2.76 7.62
N GLY A 594 -32.42 -1.87 7.17
CA GLY A 594 -32.16 -0.46 7.24
C GLY A 594 -31.69 0.20 5.96
N ILE A 595 -31.81 -0.48 4.81
CA ILE A 595 -31.50 0.19 3.54
C ILE A 595 -32.45 1.35 3.32
N ILE A 596 -33.74 1.13 3.55
CA ILE A 596 -34.76 2.17 3.47
C ILE A 596 -35.19 2.48 4.89
N SER A 597 -34.90 3.70 5.34
CA SER A 597 -35.17 4.07 6.72
C SER A 597 -36.65 4.31 6.93
N GLU A 598 -37.04 4.34 8.22
CA GLU A 598 -38.42 4.58 8.57
C GLU A 598 -38.82 6.02 8.25
N GLY A 599 -40.06 6.21 7.83
CA GLY A 599 -40.56 7.52 7.47
C GLY A 599 -40.33 7.94 6.05
N ASN A 600 -39.57 7.15 5.27
CA ASN A 600 -39.29 7.46 3.88
C ASN A 600 -40.09 6.52 2.99
N GLU A 601 -40.66 7.07 1.92
CA GLU A 601 -41.57 6.32 1.07
C GLU A 601 -41.08 6.35 -0.37
N THR A 602 -41.55 5.38 -1.15
CA THR A 602 -41.32 5.33 -2.58
C THR A 602 -42.47 6.02 -3.31
N VAL A 603 -42.31 6.19 -4.63
CA VAL A 603 -43.34 6.85 -5.42
C VAL A 603 -44.63 6.05 -5.40
N GLU A 604 -44.53 4.72 -5.49
CA GLU A 604 -45.71 3.87 -5.42
C GLU A 604 -46.39 3.98 -4.06
N ASP A 605 -45.60 4.03 -2.98
CA ASP A 605 -46.18 4.13 -1.65
C ASP A 605 -46.87 5.48 -1.45
N ILE A 606 -46.27 6.55 -1.98
CA ILE A 606 -46.92 7.87 -1.91
C ILE A 606 -48.23 7.85 -2.68
N ALA A 607 -48.22 7.24 -3.87
CA ALA A 607 -49.46 7.15 -4.65
C ALA A 607 -50.53 6.35 -3.92
N ALA A 608 -50.13 5.26 -3.27
CA ALA A 608 -51.09 4.48 -2.49
C ALA A 608 -51.63 5.27 -1.31
N ARG A 609 -50.78 6.11 -0.70
CA ARG A 609 -51.23 6.92 0.42
C ARG A 609 -52.24 7.99 -0.02
N LEU A 610 -51.97 8.64 -1.16
CA LEU A 610 -52.79 9.73 -1.63
C LEU A 610 -53.91 9.27 -2.56
N ASN A 611 -54.04 7.96 -2.78
CA ASN A 611 -55.10 7.38 -3.61
C ASN A 611 -55.12 8.04 -4.98
N ILE A 612 -53.94 8.09 -5.60
CA ILE A 612 -53.80 8.70 -6.93
C ILE A 612 -52.91 7.79 -7.76
N PRO A 613 -52.99 7.90 -9.09
CA PRO A 613 -52.07 7.13 -9.94
C PRO A 613 -50.63 7.56 -9.72
N VAL A 614 -49.71 6.62 -9.97
CA VAL A 614 -48.29 6.88 -9.76
C VAL A 614 -47.76 7.96 -10.68
N SER A 615 -48.49 8.28 -11.76
CA SER A 615 -48.04 9.31 -12.68
C SER A 615 -48.16 10.70 -12.05
N GLN A 616 -49.20 10.93 -11.24
CA GLN A 616 -49.42 12.26 -10.67
C GLN A 616 -48.45 12.57 -9.53
N VAL A 617 -47.86 11.56 -8.90
CA VAL A 617 -46.92 11.81 -7.81
C VAL A 617 -45.65 12.42 -8.38
N ASN A 618 -45.22 13.53 -7.79
CA ASN A 618 -43.98 14.16 -8.21
C ASN A 618 -42.80 13.27 -7.81
N PRO A 619 -42.00 12.78 -8.76
CA PRO A 619 -40.92 11.86 -8.40
C PRO A 619 -39.86 12.47 -7.48
N ARG A 620 -39.76 13.79 -7.43
CA ARG A 620 -38.79 14.43 -6.54
C ARG A 620 -39.15 14.27 -5.07
N ASP A 621 -40.43 14.07 -4.75
CA ASP A 621 -40.83 13.94 -3.35
C ASP A 621 -40.24 12.68 -2.71
N ALA A 622 -40.30 11.55 -3.41
CA ALA A 622 -39.85 10.29 -2.85
C ALA A 622 -38.33 10.20 -2.88
N LYS A 623 -37.73 9.98 -1.72
CA LYS A 623 -36.28 9.86 -1.61
C LYS A 623 -35.82 8.41 -1.73
N ALA A 624 -36.74 7.46 -1.88
CA ALA A 624 -36.42 6.06 -2.05
C ALA A 624 -37.04 5.55 -3.33
N CYS A 625 -36.40 4.57 -3.95
CA CYS A 625 -36.90 4.00 -5.19
C CYS A 625 -36.55 2.53 -5.28
N VAL A 626 -37.46 1.77 -5.88
CA VAL A 626 -37.24 0.37 -6.22
C VAL A 626 -37.35 0.24 -7.73
N VAL A 627 -36.28 -0.23 -8.36
CA VAL A 627 -36.18 -0.29 -9.81
C VAL A 627 -36.13 -1.77 -10.21
N HIS A 628 -37.10 -2.18 -11.03
CA HIS A 628 -37.15 -3.55 -11.51
C HIS A 628 -36.16 -3.75 -12.65
N GLY A 629 -35.72 -5.00 -12.81
CA GLY A 629 -34.72 -5.29 -13.83
C GLY A 629 -35.19 -4.99 -15.24
N SER A 630 -36.48 -5.21 -15.51
CA SER A 630 -37.03 -4.90 -16.82
C SER A 630 -36.94 -3.41 -17.12
N ASP A 631 -37.24 -2.57 -16.12
CA ASP A 631 -37.10 -1.13 -16.30
C ASP A 631 -35.65 -0.75 -16.52
N LEU A 632 -34.74 -1.38 -15.79
CA LEU A 632 -33.32 -1.08 -15.92
C LEU A 632 -32.78 -1.47 -17.28
N LYS A 633 -33.42 -2.44 -17.95
CA LYS A 633 -32.89 -2.95 -19.21
C LYS A 633 -32.93 -1.88 -20.30
N ASP A 634 -34.13 -1.39 -20.63
CA ASP A 634 -34.29 -0.39 -21.68
C ASP A 634 -33.92 1.01 -21.22
N MET A 635 -33.73 1.23 -19.93
CA MET A 635 -33.38 2.55 -19.42
C MET A 635 -31.99 2.95 -19.92
N THR A 636 -31.88 4.19 -20.38
CA THR A 636 -30.61 4.69 -20.88
C THR A 636 -29.71 5.10 -19.72
N SER A 637 -28.43 5.32 -20.05
CA SER A 637 -27.44 5.62 -19.01
C SER A 637 -27.76 6.92 -18.30
N GLU A 638 -28.22 7.94 -19.03
CA GLU A 638 -28.51 9.22 -18.43
C GLU A 638 -29.65 9.12 -17.42
N GLN A 639 -30.67 8.33 -17.73
CA GLN A 639 -31.78 8.15 -16.79
C GLN A 639 -31.34 7.40 -15.55
N LEU A 640 -30.44 6.42 -15.71
CA LEU A 640 -29.89 5.73 -14.54
C LEU A 640 -29.14 6.69 -13.63
N ASP A 641 -28.37 7.62 -14.21
CA ASP A 641 -27.64 8.58 -13.41
C ASP A 641 -28.57 9.51 -12.65
N ASP A 642 -29.77 9.75 -13.18
CA ASP A 642 -30.75 10.55 -12.47
C ASP A 642 -31.28 9.80 -11.25
N ILE A 643 -31.50 8.49 -11.37
CA ILE A 643 -32.01 7.71 -10.25
C ILE A 643 -31.00 7.69 -9.11
N LEU A 644 -29.72 7.48 -9.43
CA LEU A 644 -28.69 7.43 -8.40
C LEU A 644 -28.52 8.77 -7.71
N LYS A 645 -28.63 9.87 -8.47
CA LYS A 645 -28.30 11.18 -7.92
C LYS A 645 -29.38 11.69 -6.96
N TYR A 646 -30.66 11.47 -7.31
CA TYR A 646 -31.74 12.10 -6.55
C TYR A 646 -32.29 11.20 -5.45
N HIS A 647 -32.28 9.89 -5.65
CA HIS A 647 -32.77 8.98 -4.62
C HIS A 647 -31.65 8.59 -3.67
N THR A 648 -31.96 8.57 -2.37
CA THR A 648 -30.98 8.22 -1.34
C THR A 648 -31.08 6.77 -0.89
N GLU A 649 -32.23 6.13 -1.04
CA GLU A 649 -32.42 4.72 -0.71
C GLU A 649 -32.85 3.99 -1.98
N ILE A 650 -31.91 3.34 -2.64
CA ILE A 650 -32.14 2.69 -3.92
C ILE A 650 -32.12 1.17 -3.72
N VAL A 651 -33.08 0.49 -4.33
CA VAL A 651 -33.12 -0.96 -4.34
C VAL A 651 -33.36 -1.41 -5.77
N PHE A 652 -32.41 -2.14 -6.34
CA PHE A 652 -32.58 -2.75 -7.66
C PHE A 652 -32.98 -4.20 -7.49
N ALA A 653 -34.06 -4.60 -8.16
CA ALA A 653 -34.64 -5.92 -7.99
C ALA A 653 -34.73 -6.64 -9.33
N ARG A 654 -34.65 -7.97 -9.26
CA ARG A 654 -34.69 -8.84 -10.44
C ARG A 654 -33.62 -8.44 -11.46
N THR A 655 -32.39 -8.33 -10.98
CA THR A 655 -31.28 -7.91 -11.81
C THR A 655 -30.49 -9.11 -12.30
N SER A 656 -30.19 -9.13 -13.59
CA SER A 656 -29.33 -10.15 -14.16
C SER A 656 -27.88 -9.89 -13.76
N PRO A 657 -27.00 -10.89 -13.91
CA PRO A 657 -25.60 -10.68 -13.52
C PRO A 657 -24.93 -9.49 -14.20
N GLN A 658 -25.21 -9.25 -15.48
CA GLN A 658 -24.59 -8.12 -16.15
C GLN A 658 -25.26 -6.79 -15.76
N GLN A 659 -26.51 -6.84 -15.31
CA GLN A 659 -27.15 -5.61 -14.83
C GLN A 659 -26.53 -5.15 -13.51
N LYS A 660 -26.04 -6.07 -12.69
CA LYS A 660 -25.26 -5.67 -11.53
C LYS A 660 -24.01 -4.91 -11.95
N LEU A 661 -23.36 -5.38 -13.01
CA LEU A 661 -22.21 -4.67 -13.57
C LEU A 661 -22.60 -3.29 -14.07
N ILE A 662 -23.76 -3.19 -14.72
CA ILE A 662 -24.23 -1.90 -15.21
C ILE A 662 -24.46 -0.93 -14.04
N ILE A 663 -25.07 -1.43 -12.97
CA ILE A 663 -25.32 -0.58 -11.80
C ILE A 663 -24.00 -0.16 -11.16
N VAL A 664 -23.03 -1.07 -11.07
CA VAL A 664 -21.74 -0.72 -10.47
C VAL A 664 -21.03 0.35 -11.30
N GLU A 665 -21.05 0.21 -12.63
CA GLU A 665 -20.43 1.23 -13.48
C GLU A 665 -21.18 2.54 -13.39
N GLY A 666 -22.51 2.50 -13.29
CA GLY A 666 -23.26 3.74 -13.10
C GLY A 666 -22.91 4.44 -11.81
N CYS A 667 -22.74 3.68 -10.74
CA CYS A 667 -22.30 4.28 -9.47
C CYS A 667 -20.91 4.87 -9.58
N GLN A 668 -19.99 4.15 -10.25
CA GLN A 668 -18.63 4.65 -10.42
C GLN A 668 -18.57 5.85 -11.36
N ARG A 669 -19.57 6.04 -12.21
CA ARG A 669 -19.57 7.14 -13.16
C ARG A 669 -19.61 8.50 -12.49
N GLN A 670 -20.06 8.58 -11.24
CA GLN A 670 -20.05 9.81 -10.47
C GLN A 670 -18.79 9.99 -9.64
N GLY A 671 -17.68 9.38 -10.07
CA GLY A 671 -16.43 9.52 -9.34
C GLY A 671 -16.48 8.94 -7.94
N ALA A 672 -17.09 7.78 -7.77
CA ALA A 672 -17.29 7.17 -6.47
C ALA A 672 -16.48 5.89 -6.37
N ILE A 673 -15.97 5.62 -5.17
CA ILE A 673 -15.29 4.36 -4.88
C ILE A 673 -16.35 3.38 -4.39
N VAL A 674 -16.64 2.37 -5.20
CA VAL A 674 -17.75 1.46 -4.96
C VAL A 674 -17.22 0.13 -4.44
N ALA A 675 -17.79 -0.35 -3.33
CA ALA A 675 -17.48 -1.65 -2.76
C ALA A 675 -18.68 -2.55 -2.93
N VAL A 676 -18.48 -3.74 -3.48
CA VAL A 676 -19.55 -4.68 -3.75
C VAL A 676 -19.42 -5.85 -2.81
N THR A 677 -20.52 -6.19 -2.14
CA THR A 677 -20.59 -7.36 -1.26
C THR A 677 -21.53 -8.38 -1.89
N GLY A 678 -21.02 -9.59 -2.11
CA GLY A 678 -21.81 -10.65 -2.69
C GLY A 678 -21.22 -12.00 -2.35
N ASP A 679 -22.00 -13.05 -2.64
CA ASP A 679 -21.57 -14.40 -2.32
C ASP A 679 -21.88 -15.42 -3.41
N GLY A 680 -22.42 -15.01 -4.56
CA GLY A 680 -22.80 -15.92 -5.61
C GLY A 680 -21.95 -15.73 -6.86
N VAL A 681 -22.21 -16.57 -7.85
CA VAL A 681 -21.48 -16.48 -9.10
C VAL A 681 -22.01 -15.37 -9.99
N ASN A 682 -23.24 -14.91 -9.74
CA ASN A 682 -23.78 -13.78 -10.48
C ASN A 682 -23.21 -12.44 -10.02
N ASP A 683 -22.54 -12.41 -8.88
CA ASP A 683 -21.88 -11.20 -8.41
C ASP A 683 -20.44 -11.08 -8.89
N SER A 684 -19.91 -12.12 -9.55
CA SER A 684 -18.49 -12.10 -9.92
C SER A 684 -18.13 -10.97 -10.88
N PRO A 685 -18.89 -10.66 -11.95
CA PRO A 685 -18.53 -9.47 -12.73
C PRO A 685 -18.57 -8.18 -11.91
N ALA A 686 -19.56 -8.06 -11.01
CA ALA A 686 -19.63 -6.89 -10.15
C ALA A 686 -18.46 -6.86 -9.16
N LEU A 687 -18.10 -8.02 -8.61
CA LEU A 687 -16.95 -8.09 -7.72
C LEU A 687 -15.66 -7.73 -8.44
N LYS A 688 -15.52 -8.19 -9.68
CA LYS A 688 -14.32 -7.84 -10.46
C LYS A 688 -14.27 -6.36 -10.76
N LYS A 689 -15.39 -5.78 -11.18
CA LYS A 689 -15.37 -4.37 -11.61
C LYS A 689 -15.30 -3.42 -10.43
N ALA A 690 -15.84 -3.80 -9.28
CA ALA A 690 -15.89 -2.90 -8.13
C ALA A 690 -14.48 -2.52 -7.69
N ASP A 691 -14.37 -1.36 -7.05
CA ASP A 691 -13.08 -0.92 -6.53
C ASP A 691 -12.52 -1.92 -5.55
N ILE A 692 -13.37 -2.46 -4.67
CA ILE A 692 -13.00 -3.57 -3.81
C ILE A 692 -14.17 -4.54 -3.77
N GLY A 693 -13.88 -5.83 -3.93
CA GLY A 693 -14.89 -6.87 -3.88
C GLY A 693 -14.75 -7.67 -2.58
N VAL A 694 -15.86 -7.79 -1.87
CA VAL A 694 -15.92 -8.52 -0.61
C VAL A 694 -16.87 -9.69 -0.79
N ALA A 695 -16.41 -10.88 -0.43
CA ALA A 695 -17.21 -12.10 -0.56
C ALA A 695 -17.29 -12.80 0.79
N MET A 696 -18.42 -13.44 1.05
CA MET A 696 -18.60 -14.19 2.29
C MET A 696 -17.82 -15.50 2.26
N GLY A 697 -17.48 -15.99 3.45
CA GLY A 697 -16.66 -17.18 3.56
C GLY A 697 -17.40 -18.49 3.53
N ILE A 698 -18.33 -18.68 4.46
CA ILE A 698 -19.08 -19.95 4.52
C ILE A 698 -20.06 -20.04 3.35
N ALA A 699 -20.90 -19.01 3.19
CA ALA A 699 -21.96 -19.04 2.20
C ALA A 699 -21.47 -18.71 0.79
N GLY A 700 -20.29 -18.13 0.65
CA GLY A 700 -19.83 -17.71 -0.66
C GLY A 700 -19.51 -18.91 -1.55
N SER A 701 -19.80 -18.76 -2.84
CA SER A 701 -19.39 -19.74 -3.83
C SER A 701 -17.93 -19.53 -4.20
N ASP A 702 -17.34 -20.54 -4.83
CA ASP A 702 -15.93 -20.48 -5.18
C ASP A 702 -15.65 -19.37 -6.19
N VAL A 703 -16.57 -19.14 -7.12
CA VAL A 703 -16.40 -18.07 -8.10
C VAL A 703 -16.36 -16.71 -7.41
N SER A 704 -17.25 -16.49 -6.45
CA SER A 704 -17.31 -15.20 -5.77
C SER A 704 -16.01 -14.91 -5.02
N LYS A 705 -15.48 -15.91 -4.31
CA LYS A 705 -14.24 -15.70 -3.58
C LYS A 705 -13.02 -15.71 -4.48
N GLN A 706 -13.14 -16.22 -5.71
CA GLN A 706 -12.07 -16.03 -6.68
C GLN A 706 -12.09 -14.63 -7.27
N ALA A 707 -13.27 -14.05 -7.42
CA ALA A 707 -13.42 -12.71 -8.00
C ALA A 707 -13.26 -11.59 -6.98
N ALA A 708 -13.16 -11.90 -5.70
CA ALA A 708 -13.16 -10.88 -4.66
C ALA A 708 -11.75 -10.54 -4.22
N ASP A 709 -11.61 -9.35 -3.63
CA ASP A 709 -10.36 -8.90 -3.04
C ASP A 709 -10.27 -9.22 -1.55
N MET A 710 -11.40 -9.31 -0.87
CA MET A 710 -11.46 -9.59 0.56
C MET A 710 -12.53 -10.63 0.83
N ILE A 711 -12.30 -11.48 1.81
CA ILE A 711 -13.22 -12.54 2.18
C ILE A 711 -13.53 -12.42 3.67
N LEU A 712 -14.81 -12.36 4.00
CA LEU A 712 -15.27 -12.41 5.38
C LEU A 712 -15.33 -13.89 5.76
N LEU A 713 -14.27 -14.37 6.41
CA LEU A 713 -14.14 -15.80 6.66
C LEU A 713 -15.25 -16.31 7.57
N ASP A 714 -15.66 -15.52 8.55
CA ASP A 714 -16.71 -15.93 9.48
C ASP A 714 -18.09 -15.40 9.10
N ASP A 715 -18.20 -14.71 7.96
CA ASP A 715 -19.47 -14.15 7.47
C ASP A 715 -20.06 -13.15 8.47
N ASN A 716 -19.19 -12.41 9.16
CA ASN A 716 -19.61 -11.34 10.04
C ASN A 716 -19.63 -10.04 9.25
N PHE A 717 -20.80 -9.41 9.15
CA PHE A 717 -20.96 -8.23 8.32
C PHE A 717 -20.45 -6.96 9.00
N ALA A 718 -20.11 -7.02 10.29
CA ALA A 718 -19.44 -5.92 10.96
C ALA A 718 -17.97 -5.81 10.58
N SER A 719 -17.42 -6.85 9.95
CA SER A 719 -16.08 -6.75 9.40
C SER A 719 -15.97 -5.66 8.34
N ILE A 720 -17.08 -5.31 7.68
CA ILE A 720 -17.06 -4.18 6.77
C ILE A 720 -16.81 -2.88 7.53
N VAL A 721 -17.48 -2.72 8.67
CA VAL A 721 -17.26 -1.54 9.51
C VAL A 721 -15.82 -1.50 10.00
N THR A 722 -15.31 -2.63 10.46
CA THR A 722 -13.91 -2.70 10.89
C THR A 722 -12.97 -2.35 9.74
N GLY A 723 -13.28 -2.84 8.53
CA GLY A 723 -12.42 -2.57 7.40
C GLY A 723 -12.39 -1.12 7.00
N VAL A 724 -13.55 -0.45 7.01
CA VAL A 724 -13.54 0.97 6.64
C VAL A 724 -12.82 1.78 7.72
N GLU A 725 -13.00 1.42 8.99
CA GLU A 725 -12.28 2.12 10.06
C GLU A 725 -10.77 1.95 9.91
N GLU A 726 -10.32 0.72 9.64
CA GLU A 726 -8.90 0.47 9.46
C GLU A 726 -8.36 1.13 8.20
N GLY A 727 -9.17 1.25 7.16
CA GLY A 727 -8.73 1.96 5.96
C GLY A 727 -8.49 3.43 6.22
N ARG A 728 -9.42 4.07 6.92
CA ARG A 728 -9.23 5.48 7.27
C ARG A 728 -8.01 5.65 8.18
N LEU A 729 -7.85 4.76 9.15
CA LEU A 729 -6.71 4.82 10.06
C LEU A 729 -5.39 4.67 9.31
N ILE A 730 -5.31 3.70 8.39
CA ILE A 730 -4.07 3.48 7.66
C ILE A 730 -3.81 4.63 6.70
N PHE A 731 -4.85 5.28 6.18
CA PHE A 731 -4.62 6.46 5.34
C PHE A 731 -3.97 7.58 6.15
N ASP A 732 -4.52 7.88 7.33
CA ASP A 732 -3.91 8.92 8.18
C ASP A 732 -2.49 8.54 8.58
N ASN A 733 -2.27 7.28 8.97
CA ASN A 733 -0.94 6.87 9.40
C ASN A 733 0.04 6.85 8.25
N LEU A 734 -0.42 6.59 7.03
CA LEU A 734 0.45 6.67 5.87
C LEU A 734 0.85 8.11 5.60
N LYS A 735 -0.08 9.05 5.78
CA LYS A 735 0.32 10.46 5.73
C LYS A 735 1.45 10.75 6.72
N LYS A 736 1.29 10.29 7.96
CA LYS A 736 2.30 10.55 8.97
C LYS A 736 3.65 9.92 8.60
N SER A 737 3.63 8.66 8.17
CA SER A 737 4.86 7.96 7.84
C SER A 737 5.55 8.57 6.63
N ILE A 738 4.79 8.99 5.62
CA ILE A 738 5.38 9.62 4.45
C ILE A 738 5.98 10.96 4.81
N ALA A 739 5.31 11.73 5.67
CA ALA A 739 5.88 12.99 6.12
C ALA A 739 7.21 12.76 6.84
N TYR A 740 7.25 11.78 7.74
CA TYR A 740 8.48 11.49 8.46
C TYR A 740 9.60 11.07 7.50
N THR A 741 9.29 10.22 6.53
CA THR A 741 10.32 9.77 5.59
C THR A 741 10.80 10.91 4.71
N LEU A 742 9.90 11.78 4.26
CA LEU A 742 10.28 12.87 3.37
C LEU A 742 11.04 13.97 4.08
N THR A 743 10.84 14.12 5.40
CA THR A 743 11.51 15.20 6.12
C THR A 743 13.03 15.06 6.05
N SER A 744 13.55 13.85 6.21
CA SER A 744 15.00 13.66 6.27
C SER A 744 15.68 13.80 4.92
N ASN A 745 14.92 13.98 3.83
CA ASN A 745 15.54 14.19 2.53
C ASN A 745 16.34 15.48 2.50
N ILE A 746 15.80 16.55 3.08
CA ILE A 746 16.45 17.86 3.00
C ILE A 746 17.85 17.87 3.62
N PRO A 747 18.07 17.31 4.82
CA PRO A 747 19.45 17.23 5.34
C PRO A 747 20.40 16.46 4.44
N GLU A 748 19.91 15.78 3.42
CA GLU A 748 20.78 15.09 2.46
C GLU A 748 20.90 15.84 1.15
N ILE A 749 19.87 16.57 0.73
CA ILE A 749 19.97 17.37 -0.48
C ILE A 749 20.81 18.61 -0.24
N THR A 750 20.58 19.31 0.87
CA THR A 750 21.26 20.59 1.11
C THR A 750 22.78 20.49 1.17
N PRO A 751 23.41 19.48 1.77
CA PRO A 751 24.89 19.44 1.75
C PRO A 751 25.47 19.49 0.35
N PHE A 752 24.89 18.79 -0.62
CA PHE A 752 25.42 18.81 -1.98
C PHE A 752 25.25 20.20 -2.62
N LEU A 753 24.10 20.84 -2.38
CA LEU A 753 23.89 22.16 -2.95
C LEU A 753 24.84 23.19 -2.36
N ILE A 754 25.03 23.17 -1.04
CA ILE A 754 25.98 24.08 -0.43
C ILE A 754 27.40 23.76 -0.88
N PHE A 755 27.71 22.48 -1.06
CA PHE A 755 29.00 22.07 -1.59
C PHE A 755 29.26 22.72 -2.94
N ILE A 756 28.32 22.57 -3.88
CA ILE A 756 28.53 23.08 -5.22
C ILE A 756 28.48 24.61 -5.26
N ILE A 757 27.75 25.24 -4.33
CA ILE A 757 27.63 26.69 -4.36
C ILE A 757 28.85 27.36 -3.72
N ALA A 758 29.13 27.03 -2.46
CA ALA A 758 30.16 27.71 -1.69
C ALA A 758 31.52 27.02 -1.72
N ASN A 759 31.65 25.90 -2.45
CA ASN A 759 32.93 25.22 -2.60
C ASN A 759 33.57 24.88 -1.25
N ILE A 760 32.77 24.36 -0.33
CA ILE A 760 33.26 23.87 0.94
C ILE A 760 33.46 22.36 0.81
N PRO A 761 34.25 21.72 1.68
CA PRO A 761 34.33 20.26 1.63
C PRO A 761 32.98 19.62 1.85
N LEU A 762 32.77 18.47 1.20
CA LEU A 762 31.46 17.82 1.23
C LEU A 762 31.07 17.46 2.65
N PRO A 763 29.89 17.90 3.13
CA PRO A 763 29.49 17.58 4.50
C PRO A 763 28.86 16.20 4.67
N LEU A 764 28.38 15.58 3.61
CA LEU A 764 27.66 14.31 3.73
C LEU A 764 27.97 13.42 2.54
N GLY A 765 28.18 12.12 2.81
CA GLY A 765 28.48 11.15 1.78
C GLY A 765 27.24 10.43 1.28
N THR A 766 27.36 9.84 0.09
CA THR A 766 26.25 9.12 -0.51
C THR A 766 25.96 7.82 0.24
N VAL A 767 27.01 7.09 0.61
CA VAL A 767 26.82 5.87 1.39
C VAL A 767 26.17 6.19 2.73
N THR A 768 26.51 7.34 3.31
CA THR A 768 25.87 7.77 4.55
C THR A 768 24.38 8.01 4.33
N ILE A 769 24.02 8.61 3.20
CA ILE A 769 22.61 8.80 2.87
C ILE A 769 21.90 7.45 2.76
N LEU A 770 22.53 6.49 2.09
CA LEU A 770 21.94 5.16 2.01
C LEU A 770 21.81 4.52 3.38
N CYS A 771 22.73 4.83 4.29
CA CYS A 771 22.62 4.34 5.66
C CYS A 771 21.45 4.99 6.39
N ILE A 772 21.10 6.23 6.02
CA ILE A 772 19.98 6.90 6.68
C ILE A 772 18.65 6.28 6.24
N ASP A 773 18.36 6.32 4.95
CA ASP A 773 17.04 5.90 4.48
C ASP A 773 16.83 4.40 4.64
N LEU A 774 17.78 3.61 4.18
CA LEU A 774 17.67 2.15 4.27
C LEU A 774 17.86 1.63 5.69
N GLY A 775 18.38 2.47 6.60
CA GLY A 775 18.69 2.03 7.94
C GLY A 775 17.81 2.65 9.02
N THR A 776 18.33 3.70 9.65
CA THR A 776 17.71 4.26 10.85
C THR A 776 16.32 4.83 10.59
N ASP A 777 15.95 5.07 9.34
CA ASP A 777 14.63 5.63 9.02
C ASP A 777 13.57 4.56 8.81
N MET A 778 13.91 3.28 8.80
CA MET A 778 12.95 2.24 8.44
C MET A 778 12.02 1.90 9.60
N VAL A 779 12.59 1.47 10.73
CA VAL A 779 11.76 1.08 11.87
C VAL A 779 10.91 2.23 12.40
N PRO A 780 11.44 3.44 12.62
CA PRO A 780 10.55 4.53 13.05
C PRO A 780 9.44 4.83 12.07
N ALA A 781 9.72 4.82 10.76
CA ALA A 781 8.68 5.08 9.78
C ALA A 781 7.60 4.01 9.81
N ILE A 782 8.01 2.75 9.98
CA ILE A 782 7.02 1.67 10.09
C ILE A 782 6.21 1.83 11.36
N SER A 783 6.82 2.34 12.43
CA SER A 783 6.14 2.44 13.72
C SER A 783 4.94 3.37 13.68
N LEU A 784 4.87 4.31 12.73
CA LEU A 784 3.70 5.18 12.65
C LEU A 784 2.44 4.43 12.26
N ALA A 785 2.58 3.24 11.67
CA ALA A 785 1.41 2.44 11.32
C ALA A 785 0.65 1.97 12.54
N TYR A 786 1.26 2.03 13.72
CA TYR A 786 0.64 1.57 14.96
C TYR A 786 -0.01 2.70 15.74
N GLU A 787 -0.16 3.88 15.13
CA GLU A 787 -0.76 5.01 15.82
C GLU A 787 -2.27 4.86 15.90
N GLN A 788 -2.83 5.22 17.04
CA GLN A 788 -4.27 5.18 17.23
C GLN A 788 -4.91 6.44 16.65
N ALA A 789 -6.23 6.35 16.44
CA ALA A 789 -6.96 7.46 15.83
C ALA A 789 -6.99 8.67 16.75
N GLU A 790 -6.83 9.85 16.16
CA GLU A 790 -6.85 11.08 16.95
C GLU A 790 -8.25 11.41 17.46
N SER A 791 -9.27 10.99 16.73
CA SER A 791 -10.66 11.18 17.13
C SER A 791 -11.47 10.00 16.58
N ASP A 792 -12.79 10.14 16.58
CA ASP A 792 -13.65 9.13 15.99
C ASP A 792 -13.65 9.35 14.48
N ILE A 793 -12.97 8.46 13.75
CA ILE A 793 -12.85 8.60 12.30
C ILE A 793 -14.07 8.10 11.56
N MET A 794 -15.02 7.48 12.26
CA MET A 794 -16.25 7.01 11.65
C MET A 794 -17.32 8.09 11.54
N LYS A 795 -17.01 9.32 11.94
CA LYS A 795 -17.97 10.42 11.82
C LYS A 795 -17.74 11.25 10.56
N ARG A 796 -16.51 11.34 10.08
CA ARG A 796 -16.22 12.12 8.89
C ARG A 796 -16.78 11.44 7.65
N GLN A 797 -17.07 12.25 6.63
CA GLN A 797 -17.57 11.74 5.38
C GLN A 797 -16.45 11.02 4.62
N PRO A 798 -16.81 10.15 3.68
CA PRO A 798 -15.78 9.52 2.83
C PRO A 798 -14.96 10.58 2.11
N ARG A 799 -13.65 10.35 2.03
CA ARG A 799 -12.75 11.34 1.47
C ARG A 799 -12.99 11.52 -0.02
N ASN A 800 -12.80 12.73 -0.49
CA ASN A 800 -12.92 13.03 -1.91
C ASN A 800 -11.62 12.67 -2.62
N PRO A 801 -11.61 11.68 -3.52
CA PRO A 801 -10.38 11.35 -4.23
C PRO A 801 -9.84 12.49 -5.08
N LYS A 802 -10.72 13.34 -5.60
CA LYS A 802 -10.28 14.47 -6.42
C LYS A 802 -9.60 15.54 -5.57
N THR A 803 -10.11 15.76 -4.36
CA THR A 803 -9.62 16.86 -3.53
C THR A 803 -8.58 16.39 -2.51
N ASP A 804 -8.92 15.39 -1.71
CA ASP A 804 -8.03 14.93 -0.66
C ASP A 804 -6.94 14.02 -1.22
N LYS A 805 -5.71 14.47 -1.13
CA LYS A 805 -4.54 13.72 -1.55
C LYS A 805 -3.82 13.14 -0.35
N LEU A 806 -3.24 11.96 -0.54
CA LEU A 806 -2.37 11.39 0.48
C LEU A 806 -1.18 12.31 0.74
N VAL A 807 -0.60 12.85 -0.32
CA VAL A 807 0.46 13.84 -0.24
C VAL A 807 0.01 15.06 -1.00
N ASN A 808 -0.20 16.16 -0.30
CA ASN A 808 -0.63 17.42 -0.89
C ASN A 808 0.49 18.44 -0.80
N GLU A 809 0.19 19.67 -1.22
CA GLU A 809 1.20 20.73 -1.16
C GLU A 809 1.57 21.07 0.27
N ARG A 810 0.61 20.96 1.20
CA ARG A 810 0.90 21.29 2.60
C ARG A 810 1.91 20.32 3.20
N LEU A 811 1.77 19.02 2.91
CA LEU A 811 2.74 18.05 3.41
C LEU A 811 4.12 18.32 2.83
N ILE A 812 4.20 18.52 1.51
CA ILE A 812 5.46 18.85 0.88
C ILE A 812 6.01 20.15 1.44
N SER A 813 5.15 21.17 1.54
CA SER A 813 5.59 22.45 2.07
C SER A 813 6.15 22.29 3.47
N MET A 814 5.38 21.66 4.36
CA MET A 814 5.83 21.49 5.75
C MET A 814 7.16 20.76 5.80
N ALA A 815 7.20 19.53 5.28
CA ALA A 815 8.36 18.66 5.44
C ALA A 815 9.60 19.24 4.78
N TYR A 816 9.47 19.71 3.53
CA TYR A 816 10.65 20.16 2.80
C TYR A 816 11.08 21.56 3.24
N GLY A 817 10.15 22.42 3.67
CA GLY A 817 10.49 23.81 3.88
C GLY A 817 10.80 24.19 5.31
N GLN A 818 10.22 23.50 6.29
CA GLN A 818 10.42 23.94 7.66
C GLN A 818 11.19 22.92 8.50
N ILE A 819 10.67 21.70 8.64
CA ILE A 819 11.35 20.72 9.47
C ILE A 819 12.63 20.25 8.79
N GLY A 820 12.58 20.06 7.47
CA GLY A 820 13.78 19.67 6.75
C GLY A 820 14.87 20.72 6.84
N MET A 821 14.49 21.99 6.75
CA MET A 821 15.50 23.05 6.84
C MET A 821 16.07 23.17 8.24
N ILE A 822 15.25 22.97 9.28
CA ILE A 822 15.80 22.98 10.63
C ILE A 822 16.78 21.83 10.82
N GLN A 823 16.43 20.64 10.32
CA GLN A 823 17.33 19.50 10.41
C GLN A 823 18.62 19.75 9.64
N ALA A 824 18.52 20.36 8.47
CA ALA A 824 19.71 20.70 7.68
C ALA A 824 20.59 21.69 8.43
N LEU A 825 19.99 22.67 9.09
CA LEU A 825 20.78 23.62 9.88
C LEU A 825 21.50 22.91 11.02
N GLY A 826 20.82 21.99 11.69
CA GLY A 826 21.49 21.23 12.75
C GLY A 826 22.67 20.43 12.23
N GLY A 827 22.48 19.75 11.10
CA GLY A 827 23.57 18.99 10.52
C GLY A 827 24.74 19.86 10.11
N PHE A 828 24.46 21.00 9.49
CA PHE A 828 25.52 21.91 9.07
C PHE A 828 26.25 22.49 10.27
N PHE A 829 25.54 22.77 11.35
CA PHE A 829 26.20 23.24 12.57
C PHE A 829 27.14 22.17 13.11
N THR A 830 26.71 20.91 13.11
CA THR A 830 27.60 19.84 13.56
C THR A 830 28.84 19.74 12.68
N TYR A 831 28.64 19.82 11.36
CA TYR A 831 29.75 19.84 10.41
C TYR A 831 30.75 20.93 10.74
N PHE A 832 30.25 22.15 10.93
CA PHE A 832 31.13 23.27 11.22
C PHE A 832 31.85 23.11 12.55
N VAL A 833 31.18 22.53 13.54
CA VAL A 833 31.82 22.28 14.82
C VAL A 833 32.97 21.30 14.67
N ILE A 834 32.74 20.19 13.97
CA ILE A 834 33.80 19.19 13.79
C ILE A 834 34.98 19.81 13.08
N LEU A 835 34.73 20.58 12.03
CA LEU A 835 35.85 21.15 11.28
C LEU A 835 36.58 22.22 12.09
N ALA A 836 35.85 23.06 12.82
CA ALA A 836 36.48 24.14 13.57
C ALA A 836 37.31 23.61 14.72
N GLU A 837 36.81 22.60 15.45
CA GLU A 837 37.55 22.10 16.59
C GLU A 837 38.80 21.31 16.20
N ASN A 838 38.95 20.96 14.93
CA ASN A 838 40.14 20.26 14.45
C ASN A 838 41.12 21.18 13.74
N GLY A 839 40.80 22.45 13.56
CA GLY A 839 41.74 23.39 12.98
C GLY A 839 41.25 24.22 11.83
N PHE A 840 40.14 23.83 11.20
CA PHE A 840 39.63 24.52 10.01
C PHE A 840 38.44 25.39 10.41
N LEU A 841 38.68 26.69 10.54
CA LEU A 841 37.62 27.61 10.93
C LEU A 841 36.65 27.81 9.78
N PRO A 842 35.37 28.12 10.08
CA PRO A 842 34.36 28.19 9.02
C PRO A 842 34.64 29.21 7.93
N ILE A 843 35.31 30.33 8.25
CA ILE A 843 35.66 31.29 7.22
C ILE A 843 36.68 30.70 6.26
N HIS A 844 37.59 29.87 6.76
CA HIS A 844 38.63 29.28 5.91
C HIS A 844 38.08 28.19 4.99
N LEU A 845 36.89 27.67 5.27
CA LEU A 845 36.33 26.60 4.46
C LEU A 845 35.80 27.07 3.12
N LEU A 846 35.52 28.37 2.98
CA LEU A 846 34.95 28.88 1.74
C LEU A 846 36.00 28.87 0.64
N GLY A 847 35.72 28.14 -0.44
CA GLY A 847 36.65 28.04 -1.54
C GLY A 847 37.72 26.98 -1.39
N LEU A 848 37.63 26.13 -0.37
CA LEU A 848 38.63 25.10 -0.11
C LEU A 848 38.32 23.78 -0.79
N ARG A 849 37.22 23.70 -1.55
CA ARG A 849 36.83 22.42 -2.16
C ARG A 849 37.89 21.90 -3.12
N VAL A 850 38.49 22.79 -3.91
CA VAL A 850 39.42 22.36 -4.95
C VAL A 850 40.65 21.70 -4.33
N ASP A 851 41.26 22.35 -3.34
CA ASP A 851 42.46 21.81 -2.71
C ASP A 851 42.15 20.62 -1.80
N TRP A 852 41.03 20.70 -1.08
CA TRP A 852 40.67 19.63 -0.14
C TRP A 852 40.48 18.31 -0.88
N ASP A 853 39.86 18.35 -2.05
CA ASP A 853 39.59 17.15 -2.83
C ASP A 853 40.75 16.75 -3.74
N ASP A 854 41.84 17.51 -3.74
CA ASP A 854 42.97 17.20 -4.61
C ASP A 854 43.85 16.14 -3.95
N ARG A 855 43.94 14.98 -4.59
CA ARG A 855 44.69 13.86 -4.04
C ARG A 855 46.19 14.11 -3.98
N TRP A 856 46.69 15.04 -4.80
CA TRP A 856 48.13 15.26 -4.89
C TRP A 856 48.61 16.42 -4.04
N ILE A 857 47.73 17.36 -3.68
CA ILE A 857 48.10 18.45 -2.78
C ILE A 857 48.02 17.91 -1.36
N ASN A 858 49.18 17.80 -0.70
CA ASN A 858 49.27 17.18 0.61
C ASN A 858 49.81 18.15 1.66
N ASP A 859 49.58 19.45 1.46
CA ASP A 859 49.98 20.46 2.43
C ASP A 859 48.89 21.51 2.62
N VAL A 860 47.64 21.07 2.72
CA VAL A 860 46.55 22.02 2.89
C VAL A 860 46.65 22.69 4.26
N GLU A 861 46.68 24.01 4.27
CA GLU A 861 46.95 24.78 5.48
C GLU A 861 45.65 25.14 6.16
N ASP A 862 45.54 24.77 7.44
CA ASP A 862 44.37 25.11 8.23
C ASP A 862 44.53 26.52 8.80
N SER A 863 43.54 26.97 9.60
CA SER A 863 43.56 28.34 10.09
C SER A 863 44.66 28.59 11.10
N TYR A 864 45.33 27.54 11.58
CA TYR A 864 46.35 27.67 12.61
C TYR A 864 47.77 27.49 12.07
N GLY A 865 47.92 27.42 10.75
CA GLY A 865 49.23 27.26 10.15
C GLY A 865 49.71 25.84 9.98
N GLN A 866 48.98 24.86 10.51
CA GLN A 866 49.34 23.47 10.31
C GLN A 866 49.01 23.04 8.88
N GLN A 867 49.76 22.06 8.39
CA GLN A 867 49.60 21.56 7.04
C GLN A 867 49.17 20.09 7.09
N TRP A 868 48.13 19.76 6.31
CA TRP A 868 47.51 18.45 6.33
C TRP A 868 47.74 17.74 4.99
N THR A 869 47.94 16.43 5.05
CA THR A 869 48.01 15.60 3.86
C THR A 869 46.60 15.25 3.40
N TYR A 870 46.52 14.52 2.28
CA TYR A 870 45.21 14.17 1.73
C TYR A 870 44.45 13.24 2.66
N GLU A 871 45.10 12.20 3.16
CA GLU A 871 44.41 11.24 4.01
C GLU A 871 44.08 11.83 5.37
N GLN A 872 44.96 12.67 5.91
CA GLN A 872 44.74 13.25 7.23
C GLN A 872 43.48 14.11 7.25
N ARG A 873 43.30 14.94 6.22
CA ARG A 873 42.10 15.76 6.15
C ARG A 873 40.89 14.95 5.70
N LYS A 874 41.09 13.88 4.94
CA LYS A 874 39.97 13.02 4.57
C LYS A 874 39.39 12.29 5.78
N ILE A 875 40.23 11.93 6.75
CA ILE A 875 39.71 11.34 7.97
C ILE A 875 38.80 12.32 8.70
N VAL A 876 39.18 13.59 8.74
CA VAL A 876 38.34 14.61 9.36
C VAL A 876 37.04 14.77 8.59
N GLU A 877 37.11 14.73 7.26
CA GLU A 877 35.89 14.85 6.46
C GLU A 877 34.95 13.67 6.71
N PHE A 878 35.49 12.46 6.82
CA PHE A 878 34.63 11.30 7.07
C PHE A 878 34.09 11.30 8.50
N THR A 879 34.85 11.82 9.45
CA THR A 879 34.31 12.06 10.79
C THR A 879 33.16 13.06 10.73
N CYS A 880 33.29 14.09 9.90
CA CYS A 880 32.19 15.04 9.72
C CYS A 880 30.98 14.35 9.12
N HIS A 881 31.20 13.43 8.18
CA HIS A 881 30.09 12.66 7.61
C HIS A 881 29.37 11.85 8.68
N THR A 882 30.15 11.17 9.54
CA THR A 882 29.55 10.39 10.62
C THR A 882 28.78 11.28 11.58
N ALA A 883 29.34 12.44 11.94
CA ALA A 883 28.66 13.35 12.84
C ALA A 883 27.40 13.91 12.21
N PHE A 884 27.43 14.16 10.90
CA PHE A 884 26.23 14.61 10.19
C PHE A 884 25.14 13.56 10.24
N PHE A 885 25.52 12.29 10.04
CA PHE A 885 24.58 11.18 10.14
C PHE A 885 23.95 11.11 11.54
N VAL A 886 24.79 11.22 12.56
CA VAL A 886 24.30 11.16 13.94
C VAL A 886 23.38 12.35 14.24
N SER A 887 23.72 13.53 13.69
CA SER A 887 22.86 14.70 13.86
C SER A 887 21.51 14.51 13.20
N ILE A 888 21.49 13.90 12.01
CA ILE A 888 20.22 13.60 11.36
C ILE A 888 19.40 12.67 12.22
N VAL A 889 20.04 11.68 12.83
CA VAL A 889 19.33 10.79 13.75
C VAL A 889 18.73 11.58 14.93
N VAL A 890 19.54 12.48 15.50
CA VAL A 890 19.10 13.24 16.67
C VAL A 890 17.90 14.12 16.34
N VAL A 891 17.91 14.78 15.18
CA VAL A 891 16.77 15.60 14.80
C VAL A 891 15.58 14.73 14.40
N GLN A 892 15.83 13.55 13.83
CA GLN A 892 14.75 12.64 13.50
C GLN A 892 14.05 12.11 14.74
N TRP A 893 14.71 12.11 15.90
CA TRP A 893 14.00 11.85 17.15
C TRP A 893 12.78 12.76 17.30
N ALA A 894 13.03 14.08 17.31
CA ALA A 894 11.93 15.04 17.45
C ALA A 894 11.00 15.00 16.26
N ASP A 895 11.53 14.71 15.06
CA ASP A 895 10.65 14.57 13.90
C ASP A 895 9.64 13.44 14.10
N LEU A 896 10.10 12.30 14.62
CA LEU A 896 9.20 11.21 14.95
C LEU A 896 8.18 11.63 16.01
N VAL A 897 8.64 12.32 17.05
CA VAL A 897 7.73 12.72 18.12
C VAL A 897 6.65 13.64 17.58
N ILE A 898 7.01 14.61 16.73
CA ILE A 898 6.02 15.55 16.23
C ILE A 898 5.15 14.93 15.14
N CYS A 899 5.65 13.93 14.42
CA CYS A 899 4.82 13.23 13.44
C CYS A 899 3.90 12.21 14.08
N LYS A 900 4.10 11.90 15.36
CA LYS A 900 3.20 10.98 16.06
C LYS A 900 1.75 11.45 16.00
N THR A 901 1.50 12.75 16.00
CA THR A 901 0.16 13.31 15.94
C THR A 901 0.11 14.45 14.94
N ARG A 902 -1.09 14.74 14.43
CA ARG A 902 -1.28 15.86 13.52
C ARG A 902 -2.14 16.99 14.08
N ARG A 903 -2.93 16.72 15.09
CA ARG A 903 -3.75 17.80 15.66
C ARG A 903 -3.60 17.91 17.17
N ASN A 904 -3.49 16.79 17.88
CA ASN A 904 -3.48 16.80 19.35
C ASN A 904 -2.05 16.86 19.89
N SER A 905 -1.95 17.14 21.18
CA SER A 905 -0.66 17.19 21.85
C SER A 905 -0.04 15.80 21.92
N VAL A 906 1.29 15.76 21.88
CA VAL A 906 2.00 14.49 21.82
C VAL A 906 1.86 13.72 23.13
N PHE A 907 1.89 14.43 24.26
CA PHE A 907 1.69 13.79 25.56
C PHE A 907 0.22 13.75 25.97
N GLN A 908 -0.69 14.32 25.17
CA GLN A 908 -2.11 14.23 25.47
C GLN A 908 -2.60 12.79 25.34
N GLN A 909 -2.28 12.14 24.22
CA GLN A 909 -2.72 10.78 23.98
C GLN A 909 -1.86 9.74 24.68
N GLY A 910 -0.69 10.13 25.19
CA GLY A 910 0.18 9.20 25.90
C GLY A 910 1.06 8.40 24.97
N MET A 911 1.90 7.57 25.59
CA MET A 911 2.81 6.69 24.85
C MET A 911 2.22 5.29 24.72
N LYS A 912 1.08 5.21 24.02
CA LYS A 912 0.44 3.93 23.80
C LYS A 912 1.19 3.09 22.77
N ASN A 913 2.00 3.72 21.93
CA ASN A 913 2.70 3.03 20.84
C ASN A 913 4.07 2.58 21.34
N LYS A 914 4.18 1.30 21.68
CA LYS A 914 5.45 0.76 22.16
C LYS A 914 6.44 0.57 21.01
N ILE A 915 5.95 0.38 19.79
CA ILE A 915 6.84 0.19 18.65
C ILE A 915 7.64 1.46 18.36
N LEU A 916 7.05 2.63 18.62
CA LEU A 916 7.74 3.88 18.34
C LEU A 916 8.92 4.11 19.28
N ILE A 917 8.76 3.72 20.55
CA ILE A 917 9.86 3.85 21.51
C ILE A 917 11.01 2.93 21.11
N PHE A 918 10.68 1.69 20.75
CA PHE A 918 11.71 0.78 20.26
C PHE A 918 12.34 1.29 18.98
N GLY A 919 11.56 1.98 18.15
CA GLY A 919 12.14 2.58 16.94
C GLY A 919 13.15 3.66 17.25
N LEU A 920 12.83 4.54 18.20
CA LEU A 920 13.80 5.53 18.66
C LEU A 920 15.07 4.85 19.16
N PHE A 921 14.92 3.86 20.04
CA PHE A 921 16.08 3.22 20.65
C PHE A 921 16.90 2.45 19.61
N GLU A 922 16.24 1.80 18.65
CA GLU A 922 16.95 1.04 17.63
C GLU A 922 17.66 1.96 16.65
N GLU A 923 17.03 3.09 16.31
CA GLU A 923 17.70 4.09 15.48
C GLU A 923 18.98 4.59 16.16
N THR A 924 18.88 4.94 17.44
CA THR A 924 20.06 5.42 18.16
C THR A 924 21.13 4.33 18.28
N ALA A 925 20.70 3.10 18.57
CA ALA A 925 21.65 2.00 18.71
C ALA A 925 22.35 1.69 17.39
N LEU A 926 21.62 1.74 16.28
CA LEU A 926 22.24 1.49 14.98
C LEU A 926 23.21 2.61 14.63
N ALA A 927 22.86 3.87 14.94
CA ALA A 927 23.80 4.95 14.71
C ALA A 927 25.09 4.74 15.50
N ALA A 928 24.95 4.41 16.80
CA ALA A 928 26.13 4.20 17.63
C ALA A 928 26.95 3.01 17.14
N PHE A 929 26.29 1.92 16.75
CA PHE A 929 27.00 0.75 16.27
C PHE A 929 27.77 1.05 14.99
N LEU A 930 27.15 1.77 14.06
CA LEU A 930 27.85 2.14 12.84
C LEU A 930 29.04 3.05 13.14
N SER A 931 28.88 3.96 14.10
CA SER A 931 29.96 4.88 14.41
C SER A 931 31.14 4.17 15.08
N TYR A 932 30.88 3.29 16.04
CA TYR A 932 31.93 2.80 16.93
C TYR A 932 32.36 1.37 16.69
N CYS A 933 31.72 0.63 15.79
CA CYS A 933 32.15 -0.73 15.52
C CYS A 933 33.49 -0.72 14.80
N PRO A 934 34.44 -1.58 15.17
CA PRO A 934 35.71 -1.64 14.45
C PRO A 934 35.50 -2.10 13.02
N GLY A 935 36.34 -1.57 12.12
CA GLY A 935 36.27 -1.91 10.72
C GLY A 935 35.27 -1.10 9.91
N MET A 936 34.47 -0.25 10.55
CA MET A 936 33.54 0.60 9.81
C MET A 936 34.24 1.75 9.10
N GLY A 937 35.49 2.03 9.45
CA GLY A 937 36.25 3.02 8.70
C GLY A 937 36.65 2.55 7.32
N VAL A 938 36.74 1.23 7.14
CA VAL A 938 37.05 0.68 5.83
C VAL A 938 35.79 0.33 5.04
N ALA A 939 34.73 -0.10 5.72
CA ALA A 939 33.50 -0.52 5.05
C ALA A 939 32.67 0.68 4.59
N LEU A 940 32.21 1.50 5.53
CA LEU A 940 31.34 2.62 5.23
C LEU A 940 32.00 3.97 5.44
N ARG A 941 33.30 3.99 5.77
CA ARG A 941 34.00 5.22 6.16
C ARG A 941 33.30 5.91 7.34
N MET A 942 32.77 5.14 8.27
CA MET A 942 32.28 5.66 9.53
C MET A 942 33.41 5.67 10.56
N TYR A 943 33.44 6.69 11.39
CA TYR A 943 34.52 6.85 12.35
C TYR A 943 33.98 7.21 13.72
N PRO A 944 34.69 6.85 14.78
CA PRO A 944 34.20 7.15 16.14
C PRO A 944 34.05 8.65 16.36
N LEU A 945 33.01 9.00 17.11
CA LEU A 945 32.72 10.39 17.44
C LEU A 945 33.05 10.65 18.91
N LYS A 946 33.64 11.80 19.17
CA LYS A 946 33.86 12.21 20.54
C LYS A 946 32.51 12.41 21.24
N PRO A 947 32.43 12.10 22.53
CA PRO A 947 31.11 12.14 23.20
C PRO A 947 30.43 13.49 23.13
N THR A 948 31.19 14.59 23.19
CA THR A 948 30.57 15.91 23.14
C THR A 948 29.95 16.18 21.77
N TRP A 949 30.41 15.51 20.73
CA TRP A 949 29.90 15.74 19.39
C TRP A 949 28.50 15.17 19.17
N TRP A 950 27.98 14.37 20.10
CA TRP A 950 26.63 13.86 19.96
C TRP A 950 25.56 14.89 20.31
N PHE A 951 25.93 15.96 21.01
CA PHE A 951 24.98 16.94 21.51
C PHE A 951 24.91 18.19 20.65
N CYS A 952 25.56 18.20 19.49
CA CYS A 952 25.57 19.40 18.65
C CYS A 952 24.19 19.71 18.10
N ALA A 953 23.43 18.67 17.72
CA ALA A 953 22.13 18.86 17.11
C ALA A 953 20.99 18.90 18.12
N PHE A 954 21.29 18.83 19.41
CA PHE A 954 20.23 18.91 20.42
C PHE A 954 19.42 20.20 20.37
N PRO A 955 20.02 21.40 20.24
CA PRO A 955 19.19 22.61 20.19
C PRO A 955 18.20 22.62 19.03
N TYR A 956 18.55 22.05 17.88
CA TYR A 956 17.66 22.09 16.72
C TYR A 956 16.53 21.09 16.86
N SER A 957 16.78 19.93 17.48
CA SER A 957 15.69 19.00 17.79
C SER A 957 14.68 19.64 18.73
N LEU A 958 15.17 20.35 19.75
CA LEU A 958 14.29 21.07 20.65
C LEU A 958 13.51 22.15 19.91
N LEU A 959 14.15 22.83 18.95
CA LEU A 959 13.45 23.82 18.15
C LEU A 959 12.34 23.18 17.34
N ILE A 960 12.60 22.01 16.74
CA ILE A 960 11.56 21.31 15.99
C ILE A 960 10.38 20.98 16.88
N PHE A 961 10.66 20.42 18.05
CA PHE A 961 9.59 20.04 18.97
C PHE A 961 8.77 21.25 19.40
N VAL A 962 9.45 22.33 19.79
CA VAL A 962 8.77 23.52 20.28
C VAL A 962 7.96 24.17 19.17
N TYR A 963 8.53 24.26 17.96
CA TYR A 963 7.81 24.87 16.85
C TYR A 963 6.55 24.08 16.51
N ASP A 964 6.66 22.74 16.47
CA ASP A 964 5.47 21.95 16.18
C ASP A 964 4.43 22.09 17.28
N LYS A 965 4.86 22.09 18.55
CA LYS A 965 3.91 22.24 19.63
C LYS A 965 3.17 23.58 19.56
N VAL A 966 3.90 24.66 19.30
CA VAL A 966 3.27 25.98 19.19
C VAL A 966 2.32 26.02 18.00
N ARG A 967 2.73 25.43 16.88
CA ARG A 967 1.85 25.41 15.71
C ARG A 967 0.57 24.63 16.00
N LYS A 968 0.69 23.47 16.67
CA LYS A 968 -0.50 22.69 17.03
C LYS A 968 -1.41 23.48 17.96
N LEU A 969 -0.82 24.18 18.93
CA LEU A 969 -1.62 24.99 19.85
C LEU A 969 -2.37 26.08 19.09
N ILE A 970 -1.70 26.71 18.11
CA ILE A 970 -2.38 27.71 17.30
C ILE A 970 -3.49 27.08 16.46
N ILE A 971 -3.29 25.85 15.99
CA ILE A 971 -4.31 25.17 15.18
C ILE A 971 -5.61 25.03 15.97
N ARG A 972 -5.51 24.59 17.22
CA ARG A 972 -6.71 24.26 17.99
C ARG A 972 -7.44 25.53 18.44
N ARG A 973 -6.69 26.60 18.75
CA ARG A 973 -7.33 27.83 19.19
C ARG A 973 -8.13 28.47 18.06
N ARG A 974 -7.60 28.45 16.84
CA ARG A 974 -8.26 29.04 15.68
C ARG A 974 -8.36 27.99 14.57
N PRO A 975 -9.41 27.16 14.61
CA PRO A 975 -9.51 26.08 13.61
C PRO A 975 -9.61 26.57 12.17
N GLY A 976 -10.16 27.76 11.94
CA GLY A 976 -10.28 28.27 10.59
C GLY A 976 -9.22 29.30 10.26
N GLY A 977 -8.16 29.34 11.05
CA GLY A 977 -7.13 30.36 10.90
C GLY A 977 -6.26 30.14 9.69
N TRP A 978 -5.36 31.11 9.48
CA TRP A 978 -4.40 31.01 8.38
C TRP A 978 -3.42 29.86 8.59
N VAL A 979 -3.06 29.59 9.85
CA VAL A 979 -2.11 28.53 10.14
C VAL A 979 -2.69 27.17 9.74
N GLU A 980 -3.99 26.97 9.99
CA GLU A 980 -4.61 25.69 9.65
C GLU A 980 -4.76 25.52 8.15
N LYS A 981 -4.97 26.61 7.42
CA LYS A 981 -5.11 26.51 5.97
C LYS A 981 -3.79 26.28 5.26
N GLU A 982 -2.66 26.57 5.90
CA GLU A 982 -1.34 26.47 5.27
C GLU A 982 -0.47 25.37 5.84
N THR A 983 -0.64 25.00 7.12
CA THR A 983 0.23 24.01 7.73
C THR A 983 -0.44 22.66 7.93
N TYR A 984 -1.75 22.64 8.18
CA TYR A 984 -2.43 21.39 8.49
C TYR A 984 -2.55 20.52 7.24
N TYR A 985 -2.13 19.27 7.36
CA TYR A 985 -2.24 18.32 6.25
C TYR A 985 -2.78 16.99 6.75
N SER B 12 -5.02 15.46 -24.44
CA SER B 12 -5.19 16.38 -25.57
C SER B 12 -5.84 17.68 -25.12
N LEU B 13 -5.92 17.87 -23.80
CA LEU B 13 -6.51 19.07 -23.22
C LEU B 13 -5.49 19.77 -22.33
N ALA B 14 -5.45 21.10 -22.42
CA ALA B 14 -4.50 21.90 -21.64
C ALA B 14 -5.21 22.39 -20.38
N GLU B 15 -5.30 21.50 -19.39
CA GLU B 15 -5.81 21.89 -18.08
C GLU B 15 -4.87 22.85 -17.37
N TRP B 16 -3.60 22.88 -17.77
CA TRP B 16 -2.63 23.75 -17.10
C TRP B 16 -2.78 25.20 -17.49
N LYS B 17 -3.19 25.47 -18.74
CA LYS B 17 -3.24 26.85 -19.22
C LYS B 17 -4.16 27.71 -18.38
N LEU B 18 -5.33 27.17 -18.00
CA LEU B 18 -6.24 27.93 -17.14
C LEU B 18 -5.73 28.01 -15.71
N PHE B 19 -4.92 27.03 -15.30
CA PHE B 19 -4.42 27.02 -13.93
C PHE B 19 -3.52 28.22 -13.66
N ILE B 20 -2.65 28.55 -14.61
CA ILE B 20 -1.87 29.78 -14.54
C ILE B 20 -2.72 30.93 -15.08
N TYR B 21 -2.70 32.07 -14.40
CA TYR B 21 -3.47 33.25 -14.79
C TYR B 21 -4.96 32.92 -14.94
N ASN B 22 -5.56 32.54 -13.82
CA ASN B 22 -7.00 32.33 -13.80
C ASN B 22 -7.72 33.67 -13.80
N PRO B 23 -8.52 33.99 -14.81
CA PRO B 23 -9.26 35.26 -14.79
C PRO B 23 -10.18 35.41 -13.59
N THR B 24 -10.77 34.31 -13.13
CA THR B 24 -11.64 34.36 -11.96
C THR B 24 -10.80 34.27 -10.69
N THR B 25 -10.98 35.26 -9.81
CA THR B 25 -10.34 35.33 -8.49
C THR B 25 -8.87 35.68 -8.63
N GLY B 26 -8.37 35.72 -9.86
CA GLY B 26 -6.97 36.07 -10.09
C GLY B 26 -5.98 35.14 -9.45
N GLU B 27 -6.23 33.83 -9.50
CA GLU B 27 -5.37 32.85 -8.86
C GLU B 27 -4.20 32.51 -9.77
N PHE B 28 -2.98 32.81 -9.31
CA PHE B 28 -1.77 32.48 -10.05
C PHE B 28 -1.24 31.14 -9.55
N LEU B 29 -1.22 30.14 -10.43
CA LEU B 29 -0.75 28.79 -10.10
C LEU B 29 -1.48 28.22 -8.89
N GLY B 30 -2.80 28.41 -8.86
CA GLY B 30 -3.63 27.85 -7.81
C GLY B 30 -3.68 28.64 -6.52
N ARG B 31 -3.01 29.79 -6.46
CA ARG B 31 -2.98 30.60 -5.25
C ARG B 31 -3.11 32.07 -5.64
N THR B 32 -3.88 32.83 -4.87
CA THR B 32 -4.19 34.20 -5.21
C THR B 32 -3.02 35.12 -4.84
N ALA B 33 -3.15 36.39 -5.25
CA ALA B 33 -2.10 37.36 -5.02
C ALA B 33 -1.89 37.62 -3.53
N LYS B 34 -2.98 37.76 -2.77
CA LYS B 34 -2.88 37.99 -1.33
C LYS B 34 -2.23 36.80 -0.63
N SER B 35 -2.67 35.58 -0.97
CA SER B 35 -2.12 34.40 -0.32
C SER B 35 -0.66 34.18 -0.68
N TRP B 36 -0.27 34.53 -1.91
CA TRP B 36 1.14 34.47 -2.28
C TRP B 36 1.95 35.42 -1.40
N GLY B 37 1.46 36.64 -1.20
CA GLY B 37 2.16 37.58 -0.34
C GLY B 37 2.30 37.07 1.07
N LEU B 38 1.21 36.50 1.62
CA LEU B 38 1.26 35.97 2.98
C LEU B 38 2.26 34.83 3.09
N ILE B 39 2.26 33.91 2.13
CA ILE B 39 3.14 32.74 2.25
C ILE B 39 4.60 33.14 2.06
N LEU B 40 4.88 34.06 1.13
CA LEU B 40 6.26 34.54 0.99
C LEU B 40 6.72 35.29 2.23
N LEU B 41 5.85 36.11 2.83
CA LEU B 41 6.23 36.80 4.05
C LEU B 41 6.51 35.81 5.17
N PHE B 42 5.66 34.79 5.30
CA PHE B 42 5.86 33.77 6.34
C PHE B 42 7.20 33.05 6.14
N TYR B 43 7.50 32.66 4.90
CA TYR B 43 8.74 31.93 4.67
C TYR B 43 9.96 32.84 4.84
N LEU B 44 9.85 34.11 4.45
CA LEU B 44 10.93 35.06 4.68
C LEU B 44 11.23 35.20 6.16
N VAL B 45 10.20 35.39 6.98
CA VAL B 45 10.41 35.55 8.41
C VAL B 45 10.93 34.25 9.03
N PHE B 46 10.41 33.11 8.58
CA PHE B 46 10.85 31.82 9.10
C PHE B 46 12.33 31.59 8.82
N TYR B 47 12.75 31.82 7.58
CA TYR B 47 14.15 31.61 7.23
C TYR B 47 15.05 32.66 7.88
N GLY B 48 14.54 33.88 8.10
CA GLY B 48 15.32 34.86 8.84
C GLY B 48 15.56 34.44 10.28
N PHE B 49 14.52 33.94 10.95
CA PHE B 49 14.69 33.44 12.31
C PHE B 49 15.63 32.25 12.35
N LEU B 50 15.51 31.34 11.37
CA LEU B 50 16.40 30.19 11.30
C LEU B 50 17.85 30.63 11.12
N ALA B 51 18.09 31.59 10.23
CA ALA B 51 19.44 32.08 10.00
C ALA B 51 19.99 32.77 11.23
N ALA B 52 19.15 33.52 11.94
CA ALA B 52 19.60 34.17 13.18
C ALA B 52 19.98 33.14 14.24
N LEU B 53 19.17 32.08 14.39
CA LEU B 53 19.51 31.04 15.35
C LEU B 53 20.80 30.33 14.98
N PHE B 54 20.97 30.02 13.69
CA PHE B 54 22.20 29.38 13.24
C PHE B 54 23.40 30.27 13.49
N SER B 55 23.28 31.57 13.20
CA SER B 55 24.39 32.49 13.43
C SER B 55 24.73 32.60 14.90
N PHE B 56 23.71 32.68 15.77
CA PHE B 56 23.97 32.75 17.21
C PHE B 56 24.67 31.48 17.70
N THR B 57 24.21 30.32 17.23
CA THR B 57 24.82 29.07 17.67
C THR B 57 26.27 28.96 17.17
N MET B 58 26.52 29.39 15.94
CA MET B 58 27.88 29.42 15.41
C MET B 58 28.78 30.35 16.22
N TRP B 59 28.27 31.55 16.56
CA TRP B 59 29.06 32.49 17.33
C TRP B 59 29.37 31.94 18.72
N VAL B 60 28.40 31.28 19.35
CA VAL B 60 28.62 30.68 20.66
C VAL B 60 29.67 29.57 20.56
N MET B 61 29.61 28.76 19.50
CA MET B 61 30.64 27.73 19.31
C MET B 61 32.01 28.35 19.11
N LEU B 62 32.09 29.42 18.33
CA LEU B 62 33.37 30.06 18.06
C LEU B 62 33.95 30.73 19.31
N GLN B 63 33.09 31.20 20.21
CA GLN B 63 33.58 31.83 21.44
C GLN B 63 34.34 30.83 22.31
N THR B 64 34.02 29.55 22.21
CA THR B 64 34.69 28.52 23.00
C THR B 64 36.03 28.11 22.41
N LEU B 65 36.39 28.61 21.23
CA LEU B 65 37.63 28.20 20.58
C LEU B 65 38.78 29.13 20.96
N ASN B 66 39.99 28.65 20.70
CA ASN B 66 41.21 29.39 20.97
C ASN B 66 41.87 29.74 19.63
N ASP B 67 42.25 31.01 19.48
CA ASP B 67 42.82 31.47 18.22
C ASP B 67 44.28 31.03 18.05
N GLU B 68 44.94 30.59 19.12
CA GLU B 68 46.35 30.23 19.03
C GLU B 68 46.53 28.78 18.58
N VAL B 69 45.88 27.84 19.25
CA VAL B 69 46.13 26.42 19.06
C VAL B 69 44.81 25.69 18.90
N PRO B 70 44.68 24.75 17.95
CA PRO B 70 43.42 24.03 17.80
C PRO B 70 43.10 23.17 19.01
N LYS B 71 41.80 22.95 19.23
CA LYS B 71 41.36 22.18 20.38
C LYS B 71 41.86 20.74 20.31
N TYR B 72 41.82 20.13 19.13
CA TYR B 72 42.26 18.74 18.95
C TYR B 72 43.39 18.68 17.94
N ARG B 73 44.39 17.85 18.25
CA ARG B 73 45.50 17.57 17.34
C ARG B 73 45.69 16.07 17.11
N ASP B 74 44.69 15.25 17.45
CA ASP B 74 44.84 13.81 17.34
C ASP B 74 44.75 13.31 15.91
N GLN B 75 44.24 14.12 15.00
CA GLN B 75 44.11 13.71 13.60
C GLN B 75 45.33 14.08 12.77
N ILE B 76 46.28 14.82 13.33
CA ILE B 76 47.50 15.21 12.63
C ILE B 76 48.72 14.90 13.50
N PRO B 77 49.00 13.61 13.77
CA PRO B 77 50.08 13.28 14.70
C PRO B 77 51.48 13.38 14.09
N SER B 78 51.61 13.05 12.81
CA SER B 78 52.91 13.02 12.17
C SER B 78 52.89 13.87 10.90
N PRO B 79 54.03 14.47 10.54
CA PRO B 79 54.04 15.37 9.39
C PRO B 79 54.10 14.61 8.08
N GLY B 80 53.36 15.11 7.09
CA GLY B 80 53.54 14.65 5.74
C GLY B 80 54.75 15.30 5.09
N LEU B 81 55.02 14.88 3.87
CA LEU B 81 56.15 15.39 3.10
C LEU B 81 55.65 15.81 1.73
N MET B 82 55.97 17.03 1.32
CA MET B 82 55.47 17.59 0.08
C MET B 82 56.60 18.28 -0.67
N VAL B 83 56.44 18.37 -1.99
CA VAL B 83 57.42 18.99 -2.87
C VAL B 83 56.87 20.30 -3.39
N PHE B 84 57.79 21.22 -3.72
CA PHE B 84 57.44 22.51 -4.28
C PHE B 84 58.38 22.83 -5.43
N PRO B 85 57.87 23.42 -6.52
CA PRO B 85 56.47 23.79 -6.73
C PRO B 85 55.58 22.61 -7.11
N LYS B 86 54.27 22.79 -6.98
CA LYS B 86 53.33 21.75 -7.37
C LYS B 86 53.27 21.65 -8.89
N PRO B 87 53.54 20.48 -9.46
CA PRO B 87 53.40 20.33 -10.91
C PRO B 87 51.94 20.41 -11.33
N VAL B 88 51.74 20.59 -12.64
CA VAL B 88 50.40 20.82 -13.16
C VAL B 88 49.54 19.58 -13.00
N THR B 89 50.07 18.41 -13.34
CA THR B 89 49.31 17.17 -13.29
C THR B 89 50.10 16.09 -12.56
N ALA B 90 49.46 15.47 -11.57
CA ALA B 90 49.90 14.22 -10.97
C ALA B 90 51.31 14.28 -10.40
N LEU B 91 51.73 15.46 -9.93
CA LEU B 91 53.04 15.61 -9.29
C LEU B 91 54.18 15.18 -10.20
N GLU B 92 54.06 15.48 -11.49
CA GLU B 92 55.04 15.10 -12.49
C GLU B 92 55.61 16.36 -13.12
N TYR B 93 56.94 16.51 -13.04
CA TYR B 93 57.62 17.66 -13.59
C TYR B 93 58.01 17.39 -15.04
N THR B 94 57.50 18.22 -15.95
CA THR B 94 57.80 18.10 -17.37
C THR B 94 58.22 19.46 -17.91
N PHE B 95 59.36 19.50 -18.59
CA PHE B 95 59.84 20.76 -19.16
C PHE B 95 60.81 20.45 -20.29
N SER B 96 61.03 21.46 -21.13
CA SER B 96 61.97 21.38 -22.24
C SER B 96 63.13 22.32 -21.96
N ARG B 97 64.35 21.78 -22.05
CA ARG B 97 65.53 22.60 -21.76
C ARG B 97 65.69 23.71 -22.78
N SER B 98 65.34 23.45 -24.04
CA SER B 98 65.45 24.46 -25.08
C SER B 98 64.26 25.42 -25.10
N ASP B 99 63.22 25.16 -24.32
CA ASP B 99 62.02 25.98 -24.32
C ASP B 99 61.85 26.65 -22.96
N PRO B 100 62.26 27.91 -22.80
CA PRO B 100 62.07 28.58 -21.50
C PRO B 100 60.64 28.59 -21.01
N THR B 101 59.66 28.69 -21.92
CA THR B 101 58.27 28.83 -21.50
C THR B 101 57.76 27.59 -20.79
N SER B 102 58.34 26.42 -21.07
CA SER B 102 57.87 25.20 -20.42
C SER B 102 58.15 25.24 -18.93
N TYR B 103 59.31 25.73 -18.52
CA TYR B 103 59.73 25.74 -17.13
C TYR B 103 59.64 27.12 -16.49
N ALA B 104 58.91 28.05 -17.09
CA ALA B 104 58.76 29.38 -16.51
C ALA B 104 57.91 29.35 -15.25
N GLY B 105 56.87 28.52 -15.22
CA GLY B 105 56.01 28.47 -14.05
C GLY B 105 56.74 28.00 -12.81
N TYR B 106 57.60 27.00 -12.97
CA TYR B 106 58.40 26.52 -11.84
C TYR B 106 59.29 27.64 -11.30
N ILE B 107 59.93 28.38 -12.19
CA ILE B 107 60.78 29.48 -11.78
C ILE B 107 59.98 30.54 -11.02
N GLU B 108 58.81 30.90 -11.55
CA GLU B 108 58.01 31.93 -10.90
C GLU B 108 57.56 31.48 -9.51
N ASP B 109 57.05 30.25 -9.40
CA ASP B 109 56.64 29.74 -8.09
C ASP B 109 57.81 29.69 -7.12
N LEU B 110 58.99 29.26 -7.60
CA LEU B 110 60.15 29.14 -6.72
C LEU B 110 60.59 30.50 -6.20
N LYS B 111 60.69 31.51 -7.07
CA LYS B 111 61.05 32.83 -6.58
C LYS B 111 59.97 33.44 -5.68
N LYS B 112 58.69 33.16 -5.96
CA LYS B 112 57.65 33.68 -5.07
C LYS B 112 57.74 33.04 -3.70
N PHE B 113 58.08 31.74 -3.64
CA PHE B 113 58.12 31.04 -2.37
C PHE B 113 59.39 31.36 -1.58
N LEU B 114 60.52 31.50 -2.26
CA LEU B 114 61.80 31.70 -1.58
C LEU B 114 62.07 33.15 -1.23
N LYS B 115 61.15 34.06 -1.54
CA LYS B 115 61.34 35.47 -1.20
C LYS B 115 61.49 35.68 0.31
N PRO B 116 60.69 35.08 1.18
CA PRO B 116 60.95 35.26 2.63
C PRO B 116 62.28 34.70 3.09
N TYR B 117 62.88 33.77 2.35
CA TYR B 117 64.07 33.08 2.82
C TYR B 117 65.36 33.84 2.54
N THR B 118 65.32 34.86 1.67
CA THR B 118 66.55 35.56 1.31
C THR B 118 67.03 36.41 2.48
N LEU B 119 68.30 36.81 2.40
CA LEU B 119 68.94 37.55 3.50
C LEU B 119 68.29 38.91 3.72
N GLU B 120 67.70 39.50 2.67
CA GLU B 120 67.18 40.85 2.77
C GLU B 120 66.07 40.94 3.80
N GLU B 121 65.12 40.00 3.78
CA GLU B 121 63.92 40.12 4.60
C GLU B 121 64.11 39.54 6.00
N GLN B 122 64.89 38.47 6.14
CA GLN B 122 65.02 37.79 7.42
C GLN B 122 66.07 38.41 8.32
N LYS B 123 66.43 39.68 8.08
CA LYS B 123 67.36 40.37 8.96
C LYS B 123 66.78 40.54 10.37
N ASN B 124 65.46 40.60 10.49
CA ASN B 124 64.83 40.71 11.80
C ASN B 124 64.95 39.40 12.58
N LEU B 125 64.91 38.26 11.89
CA LEU B 125 64.96 36.97 12.55
C LEU B 125 66.30 36.76 13.22
N THR B 126 66.31 35.94 14.27
CA THR B 126 67.48 35.75 15.12
C THR B 126 68.17 34.42 14.83
N VAL B 127 69.50 34.43 14.93
CA VAL B 127 70.27 33.20 14.79
C VAL B 127 70.15 32.38 16.06
N CYS B 128 69.89 31.09 15.90
CA CYS B 128 69.72 30.20 17.03
C CYS B 128 70.80 29.12 17.03
N PRO B 129 71.24 28.66 18.20
CA PRO B 129 72.24 27.58 18.24
C PRO B 129 71.72 26.33 17.58
N ASP B 130 72.61 25.64 16.86
CA ASP B 130 72.24 24.52 16.03
C ASP B 130 72.20 23.22 16.83
N GLY B 131 71.38 22.28 16.37
CA GLY B 131 71.35 20.94 16.90
C GLY B 131 70.51 20.75 18.15
N ALA B 132 69.90 21.80 18.68
CA ALA B 132 69.14 21.72 19.92
C ALA B 132 67.71 22.15 19.67
N LEU B 133 66.77 21.38 20.21
CA LEU B 133 65.36 21.76 20.16
C LEU B 133 65.16 23.10 20.84
N PHE B 134 64.42 23.99 20.19
CA PHE B 134 64.24 25.37 20.67
C PHE B 134 62.85 25.48 21.30
N GLU B 135 62.78 25.23 22.61
CA GLU B 135 61.54 25.39 23.34
C GLU B 135 61.44 26.82 23.88
N GLN B 136 60.30 27.46 23.65
CA GLN B 136 60.10 28.86 24.02
C GLN B 136 58.90 28.95 24.95
N LYS B 137 59.17 29.06 26.25
CA LYS B 137 58.08 29.25 27.21
C LYS B 137 57.54 30.67 27.19
N GLY B 138 58.36 31.64 26.78
CA GLY B 138 57.99 33.02 26.83
C GLY B 138 56.92 33.39 25.82
N PRO B 139 56.29 34.55 26.01
CA PRO B 139 55.22 34.97 25.09
C PRO B 139 55.70 35.69 23.84
N VAL B 140 56.98 36.07 23.77
CA VAL B 140 57.46 36.82 22.61
C VAL B 140 57.44 35.94 21.36
N TYR B 141 57.88 34.68 21.49
CA TYR B 141 57.83 33.69 20.41
C TYR B 141 58.56 34.20 19.16
N VAL B 142 59.86 34.40 19.32
CA VAL B 142 60.69 34.85 18.22
C VAL B 142 61.10 33.64 17.38
N ALA B 143 61.50 33.90 16.13
CA ALA B 143 61.74 32.87 15.14
C ALA B 143 63.22 32.79 14.78
N CYS B 144 63.66 31.59 14.41
CA CYS B 144 65.01 31.38 13.89
C CYS B 144 65.04 31.60 12.39
N GLN B 145 66.17 32.10 11.90
CA GLN B 145 66.33 32.38 10.48
C GLN B 145 66.93 31.19 9.74
N PHE B 146 66.46 30.99 8.51
CA PHE B 146 66.97 29.94 7.64
C PHE B 146 67.74 30.59 6.50
N PRO B 147 69.07 30.51 6.48
CA PRO B 147 69.82 31.16 5.41
C PRO B 147 69.57 30.49 4.07
N ILE B 148 69.43 31.31 3.03
CA ILE B 148 69.21 30.79 1.69
C ILE B 148 70.46 30.11 1.14
N SER B 149 71.63 30.36 1.75
CA SER B 149 72.85 29.71 1.32
C SER B 149 72.88 28.22 1.66
N LEU B 150 71.94 27.75 2.49
CA LEU B 150 71.91 26.33 2.83
C LEU B 150 71.47 25.48 1.63
N LEU B 151 70.65 26.04 0.75
CA LEU B 151 70.24 25.38 -0.48
C LEU B 151 71.16 25.76 -1.63
N GLN B 152 72.46 25.57 -1.41
CA GLN B 152 73.45 25.96 -2.40
C GLN B 152 73.22 25.22 -3.71
N ALA B 153 73.41 25.95 -4.81
CA ALA B 153 73.19 25.50 -6.18
C ALA B 153 71.73 25.24 -6.50
N CYS B 154 70.83 25.37 -5.52
CA CYS B 154 69.39 25.27 -5.74
C CYS B 154 68.66 26.53 -5.27
N SER B 155 69.40 27.60 -4.96
CA SER B 155 68.83 28.82 -4.43
C SER B 155 68.94 29.94 -5.45
N GLY B 156 68.23 31.04 -5.17
CA GLY B 156 68.16 32.13 -6.11
C GLY B 156 69.44 32.93 -6.26
N MET B 157 70.31 32.91 -5.23
CA MET B 157 71.52 33.73 -5.28
C MET B 157 72.51 33.20 -6.31
N ASN B 158 72.69 31.88 -6.36
CA ASN B 158 73.74 31.31 -7.21
C ASN B 158 73.45 31.50 -8.69
N ASP B 159 72.20 31.24 -9.11
CA ASP B 159 71.84 31.34 -10.51
C ASP B 159 70.41 31.87 -10.62
N PRO B 160 70.08 32.54 -11.74
CA PRO B 160 68.70 33.03 -11.89
C PRO B 160 67.69 31.92 -12.12
N ASP B 161 68.10 30.84 -12.77
CA ASP B 161 67.23 29.70 -13.04
C ASP B 161 67.60 28.58 -12.08
N PHE B 162 66.60 28.07 -11.36
CA PHE B 162 66.85 27.09 -10.31
C PHE B 162 67.24 25.74 -10.90
N GLY B 163 68.40 25.70 -11.58
CA GLY B 163 68.88 24.48 -12.18
C GLY B 163 68.31 24.17 -13.54
N TYR B 164 67.26 24.86 -13.96
CA TYR B 164 66.65 24.64 -15.27
C TYR B 164 67.51 25.30 -16.35
N SER B 165 67.33 24.82 -17.58
CA SER B 165 68.11 25.15 -18.76
C SER B 165 69.54 24.62 -18.70
N GLN B 166 69.92 23.98 -17.59
CA GLN B 166 71.20 23.29 -17.47
C GLN B 166 71.03 21.77 -17.47
N GLY B 167 69.79 21.27 -17.51
CA GLY B 167 69.54 19.86 -17.42
C GLY B 167 69.55 19.30 -16.02
N ASN B 168 69.70 20.14 -14.99
CA ASN B 168 69.79 19.70 -13.60
C ASN B 168 68.78 20.47 -12.77
N PRO B 169 67.49 20.17 -12.92
CA PRO B 169 66.46 20.94 -12.20
C PRO B 169 66.56 20.77 -10.69
N CYS B 170 66.15 21.81 -9.98
CA CYS B 170 66.11 21.81 -8.52
C CYS B 170 64.67 21.78 -8.05
N ILE B 171 64.38 20.92 -7.07
CA ILE B 171 63.05 20.81 -6.47
C ILE B 171 63.19 20.88 -4.96
N LEU B 172 62.25 21.58 -4.33
CA LEU B 172 62.25 21.76 -2.88
C LEU B 172 61.38 20.71 -2.21
N VAL B 173 61.88 20.11 -1.14
CA VAL B 173 61.14 19.17 -0.32
C VAL B 173 60.99 19.77 1.07
N LYS B 174 59.75 19.85 1.54
CA LYS B 174 59.44 20.54 2.78
C LYS B 174 58.57 19.66 3.67
N MET B 175 58.83 19.70 4.98
CA MET B 175 58.08 18.93 5.95
C MET B 175 56.82 19.68 6.36
N ASN B 176 55.73 18.95 6.55
CA ASN B 176 54.48 19.58 6.97
C ASN B 176 54.60 20.18 8.36
N ARG B 177 54.01 21.35 8.55
CA ARG B 177 54.06 22.07 9.82
C ARG B 177 53.00 21.51 10.77
N ILE B 178 53.40 21.23 12.01
CA ILE B 178 52.50 20.78 13.05
C ILE B 178 52.79 21.57 14.32
N ILE B 179 51.75 22.05 14.98
CA ILE B 179 51.92 22.87 16.17
C ILE B 179 52.43 22.02 17.32
N GLY B 180 53.51 22.47 17.96
CA GLY B 180 54.02 21.80 19.14
C GLY B 180 54.50 20.39 18.91
N LEU B 181 55.06 20.12 17.74
CA LEU B 181 55.65 18.83 17.43
C LEU B 181 57.15 18.90 17.68
N LYS B 182 57.65 18.00 18.51
CA LYS B 182 59.07 17.95 18.84
C LYS B 182 59.68 16.67 18.29
N PRO B 183 60.33 16.73 17.13
CA PRO B 183 60.99 15.53 16.61
C PRO B 183 62.10 15.07 17.54
N GLU B 184 62.24 13.75 17.66
CA GLU B 184 63.29 13.14 18.47
C GLU B 184 64.34 12.53 17.55
N GLY B 185 65.54 12.34 18.10
CA GLY B 185 66.64 11.92 17.25
C GLY B 185 67.09 13.07 16.36
N VAL B 186 67.74 12.70 15.27
CA VAL B 186 68.19 13.66 14.26
C VAL B 186 67.36 13.46 12.99
N PRO B 187 66.40 14.33 12.69
CA PRO B 187 65.58 14.13 11.49
C PRO B 187 66.37 14.47 10.24
N ARG B 188 66.23 13.63 9.22
CA ARG B 188 66.87 13.87 7.93
C ARG B 188 65.97 13.33 6.82
N ILE B 189 66.18 13.86 5.62
CA ILE B 189 65.45 13.44 4.42
C ILE B 189 66.44 12.86 3.43
N ASP B 190 66.20 11.63 3.00
CA ASP B 190 67.03 10.97 2.01
C ASP B 190 66.20 10.71 0.76
N CYS B 191 66.74 11.10 -0.39
CA CYS B 191 66.08 10.95 -1.67
C CYS B 191 66.88 9.99 -2.54
N VAL B 192 66.19 9.05 -3.17
CA VAL B 192 66.82 8.03 -4.01
C VAL B 192 65.99 7.84 -5.26
N SER B 193 66.67 7.60 -6.38
CA SER B 193 65.98 7.23 -7.61
C SER B 193 65.49 5.79 -7.53
N LYS B 194 64.35 5.51 -8.17
CA LYS B 194 63.77 4.19 -8.14
C LYS B 194 64.23 3.30 -9.29
N ASN B 195 64.52 3.87 -10.45
CA ASN B 195 64.89 3.08 -11.61
C ASN B 195 66.34 2.62 -11.52
N GLU B 196 66.66 1.60 -12.33
CA GLU B 196 68.01 1.04 -12.33
C GLU B 196 69.04 1.98 -12.93
N ASP B 197 68.62 2.91 -13.80
CA ASP B 197 69.55 3.89 -14.34
C ASP B 197 70.11 4.82 -13.28
N ILE B 198 69.45 4.87 -12.10
CA ILE B 198 69.83 5.66 -10.93
C ILE B 198 70.47 6.99 -11.29
N PRO B 199 69.75 7.94 -11.90
CA PRO B 199 70.30 9.28 -12.07
C PRO B 199 70.63 9.88 -10.71
N ASN B 200 71.78 10.55 -10.62
CA ASN B 200 72.28 10.99 -9.34
C ASN B 200 71.40 12.09 -8.75
N VAL B 201 71.04 11.93 -7.49
CA VAL B 201 70.24 12.90 -6.75
C VAL B 201 71.09 13.40 -5.59
N ALA B 202 71.15 14.72 -5.42
CA ALA B 202 72.03 15.33 -4.44
C ALA B 202 71.23 16.30 -3.57
N VAL B 203 70.90 15.87 -2.35
CA VAL B 203 70.37 16.80 -1.37
C VAL B 203 71.50 17.69 -0.89
N TYR B 204 71.34 19.00 -1.05
CA TYR B 204 72.49 19.89 -0.91
C TYR B 204 72.88 20.23 0.51
N PRO B 205 71.95 20.59 1.44
CA PRO B 205 72.46 20.92 2.78
C PRO B 205 72.93 19.68 3.54
N HIS B 206 74.05 19.13 3.08
CA HIS B 206 74.64 17.89 3.60
C HIS B 206 73.65 16.77 3.35
N ASN B 207 73.17 16.07 4.38
CA ASN B 207 72.05 15.15 4.22
C ASN B 207 70.75 15.95 4.24
N GLY B 208 69.61 15.27 4.42
CA GLY B 208 68.38 16.01 4.64
C GLY B 208 68.51 17.00 5.78
N MET B 209 68.99 16.53 6.93
CA MET B 209 69.42 17.37 8.05
C MET B 209 68.40 18.45 8.38
N ILE B 210 67.17 18.03 8.67
CA ILE B 210 66.21 18.94 9.26
C ILE B 210 66.66 19.28 10.67
N ASP B 211 66.95 20.56 10.91
CA ASP B 211 67.56 20.98 12.15
C ASP B 211 66.50 21.13 13.24
N LEU B 212 66.82 20.68 14.45
CA LEU B 212 65.85 20.68 15.53
C LEU B 212 65.56 22.09 16.03
N LYS B 213 66.44 23.05 15.74
CA LYS B 213 66.28 24.39 16.28
C LYS B 213 65.04 25.10 15.74
N TYR B 214 64.45 24.60 14.65
CA TYR B 214 63.23 25.18 14.11
C TYR B 214 61.98 24.65 14.79
N PHE B 215 62.09 23.58 15.56
CA PHE B 215 60.96 22.99 16.26
C PHE B 215 60.99 23.35 17.74
N PRO B 216 59.84 23.36 18.41
CA PRO B 216 58.49 23.10 17.87
C PRO B 216 57.86 24.32 17.19
N TYR B 217 57.03 24.07 16.19
CA TYR B 217 56.21 25.11 15.60
C TYR B 217 55.12 25.52 16.60
N TYR B 218 54.96 26.82 16.79
CA TYR B 218 54.07 27.34 17.83
C TYR B 218 52.80 27.97 17.27
N GLY B 219 52.57 27.89 15.97
CA GLY B 219 51.33 28.34 15.40
C GLY B 219 51.51 29.58 14.54
N LYS B 220 50.48 29.87 13.74
CA LYS B 220 50.51 31.04 12.89
C LYS B 220 50.35 32.32 13.69
N LYS B 221 49.51 32.29 14.73
CA LYS B 221 49.24 33.50 15.51
C LYS B 221 50.43 33.87 16.39
N LEU B 222 51.05 32.88 17.03
CA LEU B 222 52.06 33.13 18.04
C LEU B 222 53.46 33.28 17.44
N HIS B 223 53.93 32.27 16.71
CA HIS B 223 55.33 32.22 16.29
C HIS B 223 55.42 32.93 14.95
N VAL B 224 55.61 34.25 15.02
CA VAL B 224 55.57 35.12 13.84
C VAL B 224 56.85 34.98 13.04
N GLY B 225 56.71 34.93 11.72
CA GLY B 225 57.86 34.84 10.84
C GLY B 225 58.51 33.48 10.75
N TYR B 226 57.78 32.42 11.07
CA TYR B 226 58.34 31.08 11.02
C TYR B 226 58.74 30.73 9.59
N LEU B 227 59.91 30.12 9.47
CA LEU B 227 60.42 29.61 8.20
C LEU B 227 60.74 28.14 8.41
N GLN B 228 59.94 27.27 7.80
CA GLN B 228 60.15 25.84 7.97
C GLN B 228 61.45 25.41 7.32
N PRO B 229 62.11 24.39 7.85
CA PRO B 229 63.32 23.88 7.21
C PRO B 229 63.04 23.37 5.81
N LEU B 230 63.97 23.62 4.90
CA LEU B 230 63.83 23.25 3.50
C LEU B 230 64.96 22.32 3.08
N VAL B 231 64.61 21.31 2.30
CA VAL B 231 65.57 20.41 1.68
C VAL B 231 65.38 20.48 0.17
N ALA B 232 66.45 20.77 -0.55
CA ALA B 232 66.41 20.92 -2.00
C ALA B 232 67.14 19.75 -2.65
N VAL B 233 66.57 19.22 -3.72
CA VAL B 233 67.15 18.12 -4.46
C VAL B 233 67.46 18.59 -5.88
N GLN B 234 68.48 17.97 -6.47
CA GLN B 234 68.89 18.29 -7.83
C GLN B 234 69.13 17.00 -8.58
N VAL B 235 68.25 16.71 -9.55
CA VAL B 235 68.34 15.50 -10.37
C VAL B 235 68.99 15.89 -11.68
N SER B 236 70.24 15.48 -11.87
CA SER B 236 71.01 15.89 -13.04
C SER B 236 70.68 15.01 -14.24
N PHE B 237 70.81 15.59 -15.43
CA PHE B 237 70.63 14.88 -16.69
C PHE B 237 71.76 15.23 -17.63
N ALA B 238 72.12 14.27 -18.48
CA ALA B 238 73.22 14.48 -19.41
C ALA B 238 72.85 15.52 -20.46
N PRO B 239 73.83 16.23 -21.01
CA PRO B 239 73.52 17.18 -22.09
C PRO B 239 72.92 16.49 -23.31
N ASN B 240 73.57 15.44 -23.81
CA ASN B 240 73.03 14.71 -24.96
C ASN B 240 71.87 13.80 -24.57
N ASN B 241 71.95 13.16 -23.41
CA ASN B 241 70.93 12.20 -22.98
C ASN B 241 69.94 12.89 -22.04
N THR B 242 68.67 12.91 -22.45
CA THR B 242 67.63 13.52 -21.62
C THR B 242 67.50 12.79 -20.29
N GLY B 243 67.53 11.47 -20.31
CA GLY B 243 67.36 10.70 -19.09
C GLY B 243 66.00 10.92 -18.45
N LYS B 244 64.94 10.87 -19.24
CA LYS B 244 63.61 11.24 -18.79
C LYS B 244 63.02 10.15 -17.89
N GLU B 245 61.76 10.34 -17.51
CA GLU B 245 60.96 9.39 -16.73
C GLU B 245 61.76 8.78 -15.57
N VAL B 246 62.25 9.67 -14.71
CA VAL B 246 62.95 9.25 -13.50
C VAL B 246 62.03 9.47 -12.30
N THR B 247 61.81 8.42 -11.53
CA THR B 247 60.99 8.47 -10.33
C THR B 247 61.90 8.49 -9.11
N VAL B 248 61.73 9.48 -8.25
CA VAL B 248 62.59 9.68 -7.09
C VAL B 248 61.72 9.82 -5.84
N GLU B 249 62.15 9.16 -4.77
CA GLU B 249 61.39 9.05 -3.54
C GLU B 249 62.20 9.60 -2.38
N CYS B 250 61.62 10.53 -1.64
CA CYS B 250 62.22 11.09 -0.44
C CYS B 250 61.43 10.65 0.78
N LYS B 251 62.12 10.54 1.92
CA LYS B 251 61.46 10.07 3.14
C LYS B 251 62.27 10.53 4.34
N ILE B 252 61.63 10.48 5.51
CA ILE B 252 62.26 10.81 6.78
C ILE B 252 62.64 9.51 7.47
N ASP B 253 63.94 9.30 7.68
CA ASP B 253 64.42 8.06 8.29
C ASP B 253 65.35 8.29 9.47
N GLY B 254 65.50 9.54 9.93
CA GLY B 254 66.38 9.81 11.04
C GLY B 254 65.68 9.92 12.38
N SER B 255 64.36 9.95 12.37
CA SER B 255 63.56 10.17 13.57
C SER B 255 62.55 9.04 13.74
N ALA B 256 62.43 8.54 14.97
CA ALA B 256 61.41 7.55 15.28
C ALA B 256 60.03 8.18 15.44
N ASN B 257 59.97 9.42 15.95
CA ASN B 257 58.69 10.10 16.12
C ASN B 257 57.98 10.32 14.79
N LEU B 258 58.74 10.68 13.76
CA LEU B 258 58.15 10.92 12.45
C LEU B 258 58.06 9.60 11.69
N LYS B 259 56.83 9.09 11.56
CA LYS B 259 56.61 7.81 10.92
C LYS B 259 56.59 7.95 9.41
N SER B 260 57.15 6.97 8.72
CA SER B 260 57.24 7.02 7.26
C SER B 260 56.92 5.69 6.59
N GLN B 261 56.35 4.72 7.32
CA GLN B 261 56.06 3.40 6.78
C GLN B 261 54.57 3.15 6.60
N ASP B 262 53.74 4.19 6.70
CA ASP B 262 52.30 4.02 6.66
C ASP B 262 51.84 3.49 5.30
N ASP B 263 50.77 2.70 5.32
CA ASP B 263 50.20 2.14 4.10
C ASP B 263 48.97 2.89 3.62
N ARG B 264 48.10 3.31 4.54
CA ARG B 264 46.89 4.04 4.14
C ARG B 264 47.25 5.39 3.54
N ASP B 265 48.25 6.07 4.10
CA ASP B 265 48.66 7.38 3.65
C ASP B 265 50.07 7.28 3.06
N LYS B 266 50.17 7.41 1.73
CA LYS B 266 51.44 7.31 1.05
C LYS B 266 52.32 8.54 1.19
N PHE B 267 51.77 9.64 1.70
CA PHE B 267 52.52 10.88 1.87
C PHE B 267 52.93 11.13 3.31
N LEU B 268 52.73 10.16 4.20
CA LEU B 268 53.07 10.33 5.61
C LEU B 268 54.56 10.05 5.78
N GLY B 269 55.34 11.11 5.95
CA GLY B 269 56.77 10.98 6.12
C GLY B 269 57.55 10.68 4.86
N ARG B 270 56.90 10.72 3.69
CA ARG B 270 57.60 10.43 2.44
C ARG B 270 56.82 11.03 1.29
N VAL B 271 57.49 11.11 0.14
CA VAL B 271 56.89 11.66 -1.07
C VAL B 271 57.60 11.05 -2.27
N MET B 272 56.83 10.76 -3.32
CA MET B 272 57.35 10.22 -4.57
C MET B 272 57.01 11.18 -5.70
N PHE B 273 58.01 11.58 -6.47
CA PHE B 273 57.74 12.48 -7.59
C PHE B 273 58.58 12.09 -8.80
N LYS B 274 58.07 12.46 -9.97
CA LYS B 274 58.63 12.06 -11.25
C LYS B 274 59.15 13.28 -12.00
N ILE B 275 60.27 13.10 -12.71
CA ILE B 275 60.89 14.16 -13.49
C ILE B 275 61.16 13.63 -14.89
N THR B 276 60.82 14.43 -15.89
CA THR B 276 61.19 14.16 -17.28
C THR B 276 61.72 15.44 -17.91
N ALA B 277 62.76 15.28 -18.72
CA ALA B 277 63.44 16.41 -19.34
C ALA B 277 63.57 16.20 -20.84
N ARG B 278 63.65 17.31 -21.57
CA ARG B 278 63.78 17.28 -23.02
C ARG B 278 65.12 17.88 -23.42
N ALA B 279 65.74 17.28 -24.44
CA ALA B 279 67.03 17.74 -24.98
C ALA B 279 68.12 17.76 -23.93
#